data_4IH7
#
_entry.id   4IH7
#
_cell.length_a   86.254
_cell.length_b   104.919
_cell.length_c   125.875
_cell.angle_alpha   90.000
_cell.angle_beta   90.000
_cell.angle_gamma   90.000
#
_symmetry.space_group_name_H-M   'P 21 21 21'
#
loop_
_entity.id
_entity.type
_entity.pdbx_description
1 polymer 'RNA-directed RNA polymerase'
2 non-polymer 'ZINC ION'
3 non-polymer 3-(3-tert-butylphenyl)pyridin-2(1H)-one
4 water water
#
_entity_poly.entity_id   1
_entity_poly.type   'polypeptide(L)'
_entity_poly.pdbx_seq_one_letter_code
;HMSYTWTGALITPCAAEESKLPINALSNSLLRHHNMVYATTSRSAGLRQKKVTFDRLQVLDDHYRDVLKEMKAKASTVKA
KLLSVEEACKLTPPHSAKSKFGYGAKDVRNLSSKAVNHIHSVWKDLLEDTVTPIDTTIMAKNEVFCVQPEKGGRKPARLI
VFPDLGVRVCEKMALYDVVSTLPQVVMGSSYGFQYSPGQRVEFLVNTWKSKKNPMGFSYDTRCFDSTVTENDIRVEESIY
QCCDLAPEARQAIKSLTERLYIGGPLTNSKGQNCGYRRCRASGVLTTSCGNTLTCYLKASAACRAAKLQDCTMLVNGDDL
VVICESAGTQEDAASLRVFTEAMTRYSAPPGDPPQPEYDLELITSCSSNVSVAHDASGKRVYYLTRDPTTPLARAAWETA
RHTPVNSWLGNIIMYAPTLWARMILMTHFFSILLAQEQLEKALDCQIYGACYSIEPLDLPQIIERLHGLSAFSLHSYSPG
EINRVASCLRKLGVPPLRVWRHRARSVRARLLSQGGRAATCGKYLFNWAVKTKLKLTPIPAASRLDLSGWFVAGYSGGDI
YHSLSRARPR
;
_entity_poly.pdbx_strand_id   A,B
#
loop_
_chem_comp.id
_chem_comp.type
_chem_comp.name
_chem_comp.formula
1ER non-polymer 3-(3-tert-butylphenyl)pyridin-2(1H)-one 'C15 H17 N O'
ZN non-polymer 'ZINC ION' 'Zn 2'
#
# COMPACT_ATOMS: atom_id res chain seq x y z
N HIS A 1 7.31 -6.53 42.89
CA HIS A 1 7.27 -5.62 41.74
C HIS A 1 5.86 -5.07 41.59
N MET A 2 5.49 -4.21 42.55
CA MET A 2 4.17 -3.58 42.60
C MET A 2 4.08 -2.48 41.55
N SER A 3 2.97 -2.46 40.80
CA SER A 3 2.63 -1.45 39.79
C SER A 3 2.65 -0.07 40.43
N TYR A 4 2.07 0.04 41.65
CA TYR A 4 2.01 1.28 42.43
C TYR A 4 2.26 1.06 43.91
N THR A 5 2.78 2.12 44.57
CA THR A 5 2.92 2.26 46.02
C THR A 5 2.24 3.58 46.33
N TRP A 6 1.47 3.64 47.43
CA TRP A 6 0.70 4.85 47.78
C TRP A 6 1.05 5.43 49.13
N THR A 7 1.04 6.77 49.25
CA THR A 7 1.33 7.49 50.50
C THR A 7 0.06 7.62 51.36
N GLY A 8 -1.10 7.65 50.71
CA GLY A 8 -2.38 7.83 51.36
C GLY A 8 -3.05 9.13 50.98
N ALA A 9 -2.28 10.06 50.39
CA ALA A 9 -2.78 11.35 49.90
C ALA A 9 -3.71 11.07 48.71
N LEU A 10 -4.85 11.76 48.70
CA LEU A 10 -5.91 11.58 47.72
C LEU A 10 -5.62 12.19 46.34
N ILE A 11 -6.27 11.63 45.31
CA ILE A 11 -6.21 12.14 43.93
C ILE A 11 -7.28 13.23 43.90
N THR A 12 -6.83 14.47 43.73
CA THR A 12 -7.64 15.69 43.78
C THR A 12 -8.03 16.29 42.41
N PRO A 13 -9.22 16.92 42.30
CA PRO A 13 -9.61 17.52 41.01
C PRO A 13 -9.05 18.93 40.80
N CYS A 14 -9.17 19.46 39.57
CA CYS A 14 -8.74 20.82 39.24
C CYS A 14 -9.89 21.81 39.24
N ALA A 15 -11.12 21.28 39.37
CA ALA A 15 -12.37 22.02 39.35
C ALA A 15 -13.49 21.15 39.91
N ALA A 16 -14.65 21.77 40.19
CA ALA A 16 -15.86 21.11 40.68
C ALA A 16 -16.30 20.14 39.59
N GLU A 17 -16.55 18.89 39.99
CA GLU A 17 -16.93 17.83 39.07
C GLU A 17 -18.40 17.49 39.16
N GLU A 18 -18.99 17.21 38.00
CA GLU A 18 -20.39 16.81 37.86
C GLU A 18 -20.44 15.31 37.56
N SER A 19 -21.32 14.59 38.26
CA SER A 19 -21.50 13.16 38.05
C SER A 19 -22.86 12.91 37.40
N LYS A 20 -23.89 13.69 37.78
CA LYS A 20 -25.25 13.59 37.23
C LYS A 20 -25.30 14.22 35.85
N LEU A 21 -26.12 13.65 34.97
CA LEU A 21 -26.33 14.16 33.62
C LEU A 21 -27.01 15.55 33.64
N PRO A 22 -26.36 16.61 33.09
CA PRO A 22 -27.00 17.94 33.06
C PRO A 22 -28.19 17.92 32.08
N ILE A 23 -29.30 18.55 32.48
CA ILE A 23 -30.53 18.60 31.69
C ILE A 23 -30.79 20.01 31.14
N ASN A 24 -31.18 20.09 29.85
CA ASN A 24 -31.55 21.35 29.23
C ASN A 24 -32.84 21.15 28.42
N ALA A 25 -33.24 22.12 27.56
CA ALA A 25 -34.46 22.00 26.76
C ALA A 25 -34.38 20.94 25.63
N LEU A 26 -33.14 20.52 25.25
CA LEU A 26 -32.90 19.55 24.17
C LEU A 26 -32.73 18.11 24.64
N SER A 27 -32.48 17.90 25.94
CA SER A 27 -32.21 16.59 26.56
C SER A 27 -33.26 15.50 26.29
N ASN A 28 -34.56 15.76 26.55
CA ASN A 28 -35.66 14.80 26.42
C ASN A 28 -35.91 14.28 25.01
N SER A 29 -35.57 15.09 23.98
CA SER A 29 -35.72 14.69 22.59
C SER A 29 -34.73 13.57 22.26
N LEU A 30 -33.59 13.52 22.97
CA LEU A 30 -32.63 12.45 22.76
C LEU A 30 -32.79 11.29 23.75
N LEU A 31 -32.82 11.58 25.05
CA LEU A 31 -32.81 10.61 26.14
C LEU A 31 -33.79 10.97 27.27
N ARG A 32 -34.54 9.97 27.78
CA ARG A 32 -35.52 10.16 28.87
C ARG A 32 -35.09 9.57 30.21
N HIS A 33 -34.29 8.46 30.20
CA HIS A 33 -33.80 7.87 31.44
C HIS A 33 -32.45 8.49 31.84
N HIS A 34 -32.52 9.76 32.29
CA HIS A 34 -31.38 10.58 32.71
C HIS A 34 -30.54 9.96 33.81
N ASN A 35 -31.19 9.23 34.75
CA ASN A 35 -30.55 8.56 35.88
C ASN A 35 -29.50 7.51 35.49
N MET A 36 -29.67 6.90 34.29
N MET A 36 -29.67 6.90 34.30
CA MET A 36 -28.79 5.88 33.73
CA MET A 36 -28.75 5.87 33.79
C MET A 36 -27.42 6.43 33.34
C MET A 36 -27.41 6.43 33.34
N VAL A 37 -27.38 7.69 32.86
CA VAL A 37 -26.17 8.38 32.40
C VAL A 37 -25.43 9.06 33.57
N TYR A 38 -24.10 8.86 33.64
CA TYR A 38 -23.24 9.44 34.68
C TYR A 38 -21.85 9.78 34.12
N ALA A 39 -21.09 10.52 34.92
CA ALA A 39 -19.72 10.88 34.61
C ALA A 39 -18.86 10.53 35.81
N THR A 40 -17.69 9.96 35.54
CA THR A 40 -16.71 9.63 36.58
C THR A 40 -16.05 10.94 37.07
N THR A 41 -15.59 10.94 38.34
CA THR A 41 -14.94 12.07 39.02
C THR A 41 -13.77 11.55 39.87
N SER A 42 -12.88 12.46 40.34
CA SER A 42 -11.74 12.14 41.24
C SER A 42 -12.19 11.51 42.57
N ARG A 43 -13.46 11.70 42.93
CA ARG A 43 -14.06 11.19 44.16
C ARG A 43 -14.33 9.67 44.13
N SER A 44 -14.01 9.00 43.00
CA SER A 44 -14.12 7.53 42.84
C SER A 44 -12.73 6.90 42.50
N ALA A 45 -11.65 7.74 42.48
CA ALA A 45 -10.26 7.35 42.15
C ALA A 45 -9.62 6.37 43.14
N GLY A 46 -10.06 6.40 44.40
CA GLY A 46 -9.60 5.50 45.44
C GLY A 46 -9.98 4.06 45.14
N LEU A 47 -11.14 3.88 44.48
CA LEU A 47 -11.67 2.58 44.06
C LEU A 47 -10.80 1.99 42.94
N ARG A 48 -10.23 2.88 42.07
CA ARG A 48 -9.39 2.52 40.94
C ARG A 48 -7.98 2.17 41.42
N GLN A 49 -7.46 2.90 42.44
CA GLN A 49 -6.15 2.65 43.03
C GLN A 49 -6.01 1.17 43.42
N LYS A 50 -7.00 0.64 44.19
CA LYS A 50 -7.06 -0.76 44.58
C LYS A 50 -6.91 -1.70 43.37
N LYS A 51 -7.71 -1.47 42.30
CA LYS A 51 -7.76 -2.26 41.06
C LYS A 51 -6.43 -2.30 40.28
N VAL A 52 -5.79 -1.12 40.12
CA VAL A 52 -4.55 -0.94 39.36
C VAL A 52 -3.30 -1.39 40.14
N THR A 53 -3.40 -1.52 41.49
CA THR A 53 -2.27 -1.91 42.34
C THR A 53 -2.20 -3.42 42.56
N PHE A 54 -1.09 -4.01 42.11
CA PHE A 54 -0.79 -5.45 42.20
C PHE A 54 0.67 -5.73 41.85
N ASP A 55 1.15 -6.93 42.25
CA ASP A 55 2.48 -7.43 41.99
C ASP A 55 2.50 -8.05 40.58
N ARG A 56 3.56 -7.79 39.81
CA ARG A 56 3.74 -8.34 38.48
C ARG A 56 4.90 -9.33 38.48
N LEU A 57 4.62 -10.56 38.04
CA LEU A 57 5.58 -11.63 37.93
C LEU A 57 5.79 -11.91 36.46
N GLN A 58 7.04 -12.01 36.04
CA GLN A 58 7.36 -12.16 34.63
C GLN A 58 8.37 -13.28 34.35
N VAL A 59 7.98 -14.19 33.48
CA VAL A 59 8.77 -15.33 33.04
C VAL A 59 8.94 -15.17 31.53
N LEU A 60 10.19 -14.95 31.06
CA LEU A 60 10.46 -14.69 29.64
C LEU A 60 11.21 -15.84 29.00
N ASP A 61 10.56 -16.47 28.00
CA ASP A 61 11.06 -17.64 27.29
C ASP A 61 11.68 -17.34 25.92
N ASP A 62 12.19 -18.37 25.23
CA ASP A 62 12.81 -18.27 23.91
C ASP A 62 11.87 -17.71 22.83
N HIS A 63 10.56 -18.07 22.87
CA HIS A 63 9.56 -17.54 21.92
C HIS A 63 9.45 -16.00 22.03
N TYR A 64 9.56 -15.45 23.28
CA TYR A 64 9.54 -14.02 23.57
C TYR A 64 10.80 -13.33 22.98
N ARG A 65 11.99 -13.90 23.25
CA ARG A 65 13.27 -13.37 22.78
C ARG A 65 13.45 -13.50 21.26
N ASP A 66 12.82 -14.51 20.63
CA ASP A 66 12.87 -14.71 19.17
C ASP A 66 12.11 -13.62 18.44
N VAL A 67 10.84 -13.36 18.88
CA VAL A 67 9.95 -12.34 18.33
C VAL A 67 10.59 -10.94 18.48
N LEU A 68 11.16 -10.66 19.68
CA LEU A 68 11.85 -9.40 19.98
C LEU A 68 13.03 -9.15 19.01
N LYS A 69 13.87 -10.17 18.76
CA LYS A 69 15.01 -10.07 17.84
C LYS A 69 14.52 -9.76 16.42
N GLU A 70 13.37 -10.34 16.02
CA GLU A 70 12.72 -10.07 14.73
C GLU A 70 12.21 -8.62 14.69
N MET A 71 11.62 -8.16 15.81
CA MET A 71 11.09 -6.80 15.94
C MET A 71 12.20 -5.74 15.87
N LYS A 72 13.36 -6.01 16.52
CA LYS A 72 14.53 -5.12 16.54
C LYS A 72 15.18 -5.02 15.15
N ALA A 73 15.13 -6.12 14.35
CA ALA A 73 15.67 -6.18 12.98
C ALA A 73 14.88 -5.26 12.04
N LYS A 74 13.55 -5.27 12.18
CA LYS A 74 12.66 -4.40 11.40
C LYS A 74 12.78 -2.96 11.86
N ALA A 75 12.98 -2.75 13.18
CA ALA A 75 13.14 -1.42 13.78
C ALA A 75 14.44 -0.74 13.34
N SER A 76 15.48 -1.54 13.04
CA SER A 76 16.79 -1.06 12.62
C SER A 76 16.78 -0.43 11.20
N THR A 77 15.68 -0.61 10.45
CA THR A 77 15.49 -0.04 9.11
C THR A 77 14.74 1.29 9.15
N VAL A 78 14.24 1.68 10.35
CA VAL A 78 13.51 2.95 10.55
C VAL A 78 14.50 4.10 10.72
N LYS A 79 14.21 5.23 10.05
CA LYS A 79 14.95 6.48 10.21
C LYS A 79 13.94 7.49 10.78
N ALA A 80 14.23 8.02 11.97
CA ALA A 80 13.38 9.00 12.63
C ALA A 80 14.13 10.32 12.79
N LYS A 81 13.43 11.43 12.60
CA LYS A 81 14.00 12.77 12.72
C LYS A 81 13.64 13.46 14.04
N LEU A 82 14.50 14.39 14.43
CA LEU A 82 14.39 15.21 15.62
C LEU A 82 13.58 16.45 15.24
N LEU A 83 12.42 16.65 15.89
CA LEU A 83 11.55 17.79 15.65
C LEU A 83 12.09 19.07 16.31
N SER A 84 11.76 20.24 15.74
CA SER A 84 12.16 21.55 16.28
C SER A 84 11.14 21.93 17.33
N VAL A 85 11.45 22.94 18.17
CA VAL A 85 10.55 23.43 19.21
C VAL A 85 9.18 23.81 18.61
N GLU A 86 9.18 24.68 17.59
CA GLU A 86 8.00 25.20 16.88
C GLU A 86 7.09 24.09 16.29
N GLU A 87 7.69 23.03 15.70
CA GLU A 87 7.00 21.86 15.14
C GLU A 87 6.26 21.06 16.23
N ALA A 88 6.92 20.82 17.37
CA ALA A 88 6.37 20.12 18.52
C ALA A 88 5.26 20.97 19.18
N CYS A 89 5.46 22.30 19.27
CA CYS A 89 4.51 23.27 19.82
C CYS A 89 3.21 23.29 19.03
N LYS A 90 3.31 23.20 17.69
CA LYS A 90 2.15 23.23 16.81
C LYS A 90 1.31 21.93 16.88
N LEU A 91 1.90 20.85 17.46
CA LEU A 91 1.25 19.56 17.69
C LEU A 91 0.53 19.50 19.04
N THR A 92 0.68 20.54 19.89
CA THR A 92 0.08 20.61 21.23
C THR A 92 -1.39 21.02 21.16
N PRO A 93 -2.30 20.22 21.77
CA PRO A 93 -3.74 20.57 21.77
C PRO A 93 -4.06 21.91 22.46
N PRO A 94 -5.16 22.61 22.08
CA PRO A 94 -5.45 23.91 22.71
C PRO A 94 -5.94 23.80 24.15
N HIS A 95 -6.63 22.68 24.46
CA HIS A 95 -7.19 22.38 25.78
C HIS A 95 -6.19 21.62 26.67
N SER A 96 -4.93 21.43 26.20
CA SER A 96 -3.86 20.73 26.91
C SER A 96 -3.59 21.36 28.28
N ALA A 97 -3.19 20.55 29.27
CA ALA A 97 -2.92 21.00 30.63
C ALA A 97 -1.76 21.96 30.70
N LYS A 98 -1.97 23.08 31.41
CA LYS A 98 -0.97 24.12 31.58
C LYS A 98 0.25 23.65 32.39
N SER A 99 1.39 24.32 32.17
CA SER A 99 2.63 24.06 32.88
C SER A 99 2.58 24.68 34.28
N LYS A 100 3.31 24.09 35.22
CA LYS A 100 3.45 24.54 36.60
C LYS A 100 4.45 25.72 36.63
N PHE A 101 5.11 25.98 35.47
CA PHE A 101 6.17 26.97 35.28
C PHE A 101 5.71 28.24 34.50
N GLY A 102 4.51 28.71 34.83
CA GLY A 102 3.92 29.95 34.34
C GLY A 102 3.42 30.06 32.91
N TYR A 103 3.10 28.94 32.24
CA TYR A 103 2.58 29.01 30.87
C TYR A 103 1.57 27.91 30.57
N GLY A 104 0.76 28.12 29.53
CA GLY A 104 -0.26 27.16 29.12
C GLY A 104 -0.14 26.67 27.70
N ALA A 105 -1.11 25.83 27.29
CA ALA A 105 -1.23 25.22 25.96
C ALA A 105 -1.30 26.27 24.84
N LYS A 106 -2.13 27.33 25.00
CA LYS A 106 -2.28 28.41 24.01
C LYS A 106 -0.99 29.22 23.84
N ASP A 107 -0.22 29.43 24.92
CA ASP A 107 1.07 30.11 24.93
C ASP A 107 2.08 29.32 24.12
N VAL A 108 2.01 27.97 24.23
CA VAL A 108 2.87 27.00 23.56
C VAL A 108 2.64 27.10 22.03
N ARG A 109 1.38 27.00 21.61
CA ARG A 109 0.95 27.09 20.21
C ARG A 109 1.36 28.43 19.57
N ASN A 110 1.20 29.53 20.32
CA ASN A 110 1.54 30.89 19.90
C ASN A 110 3.05 31.16 19.97
N LEU A 111 3.82 30.20 20.54
CA LEU A 111 5.28 30.22 20.68
C LEU A 111 5.80 31.38 21.52
N SER A 112 5.12 31.64 22.65
CA SER A 112 5.51 32.69 23.61
C SER A 112 6.93 32.41 24.14
N SER A 113 7.73 33.48 24.32
CA SER A 113 9.11 33.39 24.79
C SER A 113 9.27 32.56 26.07
N LYS A 114 8.40 32.79 27.09
CA LYS A 114 8.38 32.07 28.37
C LYS A 114 8.28 30.54 28.20
N ALA A 115 7.40 30.09 27.30
CA ALA A 115 7.15 28.68 26.99
C ALA A 115 8.38 28.04 26.32
N VAL A 116 8.82 28.61 25.18
CA VAL A 116 9.97 28.18 24.37
C VAL A 116 11.27 28.13 25.20
N ASN A 117 11.49 29.15 26.06
CA ASN A 117 12.64 29.22 26.96
C ASN A 117 12.63 28.05 27.96
N HIS A 118 11.45 27.72 28.52
CA HIS A 118 11.31 26.59 29.45
C HIS A 118 11.47 25.26 28.71
N ILE A 119 10.88 25.14 27.50
CA ILE A 119 11.00 23.94 26.67
C ILE A 119 12.49 23.62 26.42
N HIS A 120 13.28 24.65 26.03
CA HIS A 120 14.73 24.55 25.82
C HIS A 120 15.46 24.14 27.09
N SER A 121 15.01 24.63 28.26
CA SER A 121 15.62 24.31 29.56
C SER A 121 15.44 22.84 29.94
N VAL A 122 14.24 22.28 29.67
CA VAL A 122 13.89 20.88 29.92
C VAL A 122 14.72 19.98 28.97
N TRP A 123 14.83 20.38 27.68
CA TRP A 123 15.59 19.66 26.66
C TRP A 123 17.06 19.51 27.06
N LYS A 124 17.71 20.63 27.46
CA LYS A 124 19.10 20.68 27.94
C LYS A 124 19.24 19.77 29.18
N ASP A 125 18.26 19.84 30.11
CA ASP A 125 18.20 19.01 31.31
C ASP A 125 18.12 17.51 30.98
N LEU A 126 17.36 17.13 29.91
CA LEU A 126 17.23 15.73 29.48
C LEU A 126 18.56 15.17 28.93
N LEU A 127 19.34 16.02 28.22
CA LEU A 127 20.62 15.63 27.63
C LEU A 127 21.72 15.47 28.68
N GLU A 128 21.65 16.27 29.76
CA GLU A 128 22.64 16.28 30.85
C GLU A 128 22.33 15.34 32.01
N ASP A 129 21.04 15.05 32.23
CA ASP A 129 20.60 14.23 33.37
C ASP A 129 19.80 13.03 32.89
N THR A 130 20.22 11.82 33.29
CA THR A 130 19.54 10.56 32.91
C THR A 130 19.14 9.68 34.13
N VAL A 131 19.23 10.23 35.36
N VAL A 131 19.24 10.22 35.37
CA VAL A 131 18.89 9.45 36.57
CA VAL A 131 18.92 9.45 36.58
C VAL A 131 17.69 10.01 37.34
C VAL A 131 17.73 10.01 37.40
N THR A 132 17.60 11.35 37.49
CA THR A 132 16.52 12.00 38.28
C THR A 132 15.10 11.74 37.78
N PRO A 133 14.22 11.07 38.58
CA PRO A 133 12.84 10.85 38.11
C PRO A 133 12.10 12.16 37.85
N ILE A 134 11.33 12.20 36.76
CA ILE A 134 10.55 13.34 36.33
C ILE A 134 9.21 13.27 37.06
N ASP A 135 8.78 14.42 37.63
CA ASP A 135 7.52 14.56 38.34
C ASP A 135 6.35 14.40 37.39
N THR A 136 5.31 13.68 37.84
CA THR A 136 4.10 13.48 37.07
C THR A 136 2.90 13.92 37.90
N THR A 137 1.79 14.23 37.22
CA THR A 137 0.55 14.57 37.88
C THR A 137 -0.40 13.40 37.71
N ILE A 138 -0.96 12.93 38.82
CA ILE A 138 -1.98 11.90 38.78
C ILE A 138 -3.34 12.61 38.90
N MET A 139 -4.17 12.46 37.85
CA MET A 139 -5.52 13.02 37.77
C MET A 139 -6.55 11.96 37.39
N ALA A 140 -7.80 12.18 37.81
CA ALA A 140 -8.89 11.27 37.52
C ALA A 140 -9.65 11.78 36.29
N LYS A 141 -9.98 10.87 35.39
CA LYS A 141 -10.67 11.24 34.16
C LYS A 141 -12.15 11.42 34.42
N ASN A 142 -12.74 12.37 33.67
CA ASN A 142 -14.16 12.64 33.67
C ASN A 142 -14.71 12.03 32.39
N GLU A 143 -15.02 10.74 32.47
CA GLU A 143 -15.58 10.04 31.33
C GLU A 143 -17.03 9.68 31.60
N VAL A 144 -17.87 9.86 30.59
CA VAL A 144 -19.31 9.61 30.66
C VAL A 144 -19.66 8.21 30.17
N PHE A 145 -20.45 7.50 30.96
CA PHE A 145 -20.93 6.15 30.67
C PHE A 145 -22.41 6.02 31.03
N CYS A 146 -22.98 4.83 30.76
CA CYS A 146 -24.31 4.43 31.18
C CYS A 146 -24.08 3.37 32.26
N VAL A 147 -24.95 3.33 33.29
CA VAL A 147 -24.86 2.38 34.41
C VAL A 147 -25.03 0.91 33.95
N GLN A 148 -24.47 -0.05 34.74
CA GLN A 148 -24.49 -1.51 34.56
C GLN A 148 -23.96 -1.94 33.21
N ARG A 154 -21.56 0.71 37.82
CA ARG A 154 -20.80 1.96 37.68
C ARG A 154 -19.31 1.74 37.74
N LYS A 155 -18.61 2.20 36.69
CA LYS A 155 -17.15 2.16 36.54
C LYS A 155 -16.52 3.27 37.40
N PRO A 156 -15.42 3.00 38.17
CA PRO A 156 -14.75 4.13 38.84
C PRO A 156 -13.94 4.93 37.79
N ALA A 157 -13.51 6.16 38.14
CA ALA A 157 -12.72 6.99 37.23
C ALA A 157 -11.43 6.32 36.77
N ARG A 158 -11.09 6.48 35.49
CA ARG A 158 -9.82 6.00 34.99
C ARG A 158 -8.76 7.02 35.45
N LEU A 159 -7.52 6.58 35.57
CA LEU A 159 -6.41 7.43 36.00
C LEU A 159 -5.60 7.94 34.82
N ILE A 160 -5.11 9.17 34.95
CA ILE A 160 -4.26 9.77 33.93
C ILE A 160 -2.98 10.29 34.62
N VAL A 161 -1.84 9.72 34.23
CA VAL A 161 -0.53 10.06 34.74
C VAL A 161 0.26 10.78 33.63
N PHE A 162 0.64 12.04 33.87
CA PHE A 162 1.30 12.87 32.87
C PHE A 162 2.39 13.79 33.41
N PRO A 163 3.49 13.96 32.65
CA PRO A 163 4.53 14.92 33.08
C PRO A 163 4.10 16.35 32.69
N ASP A 164 4.87 17.35 33.11
CA ASP A 164 4.57 18.75 32.81
C ASP A 164 4.61 19.04 31.30
N LEU A 165 3.83 20.06 30.88
CA LEU A 165 3.70 20.53 29.49
C LEU A 165 5.05 20.72 28.79
N GLY A 166 6.05 21.23 29.52
CA GLY A 166 7.41 21.40 29.02
C GLY A 166 8.04 20.10 28.56
N VAL A 167 7.94 19.05 29.41
CA VAL A 167 8.41 17.67 29.19
C VAL A 167 7.67 17.06 27.98
N ARG A 168 6.35 17.33 27.85
CA ARG A 168 5.49 16.77 26.79
C ARG A 168 5.90 17.26 25.40
N VAL A 169 6.34 18.52 25.32
CA VAL A 169 6.83 19.15 24.08
C VAL A 169 8.21 18.49 23.75
N CYS A 170 9.04 18.22 24.78
CA CYS A 170 10.33 17.57 24.57
C CYS A 170 10.20 16.12 24.16
N GLU A 171 9.17 15.44 24.68
CA GLU A 171 8.80 14.08 24.30
C GLU A 171 8.52 14.06 22.78
N LYS A 172 7.75 15.06 22.28
CA LYS A 172 7.40 15.20 20.86
C LYS A 172 8.65 15.38 20.00
N MET A 173 9.58 16.25 20.44
N MET A 173 9.57 16.26 20.44
CA MET A 173 10.83 16.54 19.74
CA MET A 173 10.84 16.56 19.77
C MET A 173 11.67 15.27 19.52
C MET A 173 11.68 15.29 19.53
N ALA A 174 11.77 14.42 20.55
CA ALA A 174 12.54 13.18 20.53
C ALA A 174 11.81 11.95 19.99
N LEU A 175 10.47 11.85 20.14
CA LEU A 175 9.78 10.61 19.79
C LEU A 175 8.56 10.71 18.89
N TYR A 176 8.14 11.91 18.47
CA TYR A 176 6.97 12.00 17.60
C TYR A 176 7.16 11.25 16.27
N ASP A 177 8.36 11.34 15.65
CA ASP A 177 8.59 10.67 14.37
C ASP A 177 8.69 9.15 14.56
N VAL A 178 9.31 8.71 15.68
CA VAL A 178 9.47 7.31 16.07
C VAL A 178 8.08 6.63 16.16
N VAL A 179 7.21 7.13 17.07
CA VAL A 179 5.88 6.58 17.36
C VAL A 179 4.92 6.70 16.16
N SER A 180 5.27 7.53 15.17
CA SER A 180 4.48 7.71 13.96
C SER A 180 4.92 6.80 12.82
N THR A 181 6.22 6.42 12.76
N THR A 181 6.22 6.44 12.76
CA THR A 181 6.75 5.61 11.67
CA THR A 181 6.78 5.62 11.68
C THR A 181 7.03 4.15 12.06
C THR A 181 7.01 4.17 12.08
N LEU A 182 7.82 3.93 13.14
CA LEU A 182 8.24 2.61 13.66
C LEU A 182 7.10 1.54 13.82
N PRO A 183 5.91 1.81 14.42
CA PRO A 183 4.93 0.73 14.61
C PRO A 183 4.53 -0.05 13.36
N GLN A 184 4.32 0.65 12.23
CA GLN A 184 3.93 0.05 10.95
C GLN A 184 5.08 -0.75 10.32
N VAL A 185 6.34 -0.32 10.54
CA VAL A 185 7.52 -1.00 9.99
C VAL A 185 7.77 -2.30 10.78
N VAL A 186 7.57 -2.26 12.11
CA VAL A 186 7.80 -3.40 12.99
C VAL A 186 6.66 -4.44 12.92
N MET A 187 5.40 -3.98 12.90
CA MET A 187 4.24 -4.87 12.92
C MET A 187 3.58 -5.12 11.57
N GLY A 188 3.94 -4.35 10.55
CA GLY A 188 3.40 -4.50 9.19
C GLY A 188 1.89 -4.29 9.14
N SER A 189 1.17 -5.23 8.52
CA SER A 189 -0.29 -5.20 8.40
C SER A 189 -1.04 -5.42 9.74
N SER A 190 -0.34 -5.98 10.75
CA SER A 190 -0.89 -6.23 12.10
C SER A 190 -1.17 -4.93 12.87
N TYR A 191 -0.43 -3.84 12.55
CA TYR A 191 -0.60 -2.54 13.20
C TYR A 191 -1.93 -1.89 12.77
N GLY A 192 -2.91 -1.89 13.69
CA GLY A 192 -4.27 -1.40 13.44
C GLY A 192 -4.49 0.08 13.19
N PHE A 193 -3.63 0.96 13.72
CA PHE A 193 -3.81 2.40 13.57
C PHE A 193 -3.50 2.97 12.17
N GLN A 194 -2.92 2.17 11.25
CA GLN A 194 -2.62 2.59 9.88
C GLN A 194 -3.88 2.59 8.99
N TYR A 195 -4.96 1.97 9.49
CA TYR A 195 -6.21 1.81 8.74
C TYR A 195 -7.30 2.81 9.04
N SER A 196 -8.09 3.15 8.02
CA SER A 196 -9.31 3.95 8.12
C SER A 196 -10.41 2.95 8.49
N PRO A 197 -11.58 3.34 9.06
CA PRO A 197 -12.61 2.32 9.38
C PRO A 197 -12.89 1.33 8.24
N GLY A 198 -12.85 1.82 7.00
CA GLY A 198 -13.07 1.05 5.78
C GLY A 198 -11.97 0.06 5.49
N GLN A 199 -10.69 0.52 5.56
CA GLN A 199 -9.52 -0.34 5.35
C GLN A 199 -9.44 -1.41 6.43
N ARG A 200 -9.99 -1.13 7.64
CA ARG A 200 -10.00 -2.09 8.73
C ARG A 200 -10.95 -3.25 8.45
N VAL A 201 -12.22 -2.97 8.06
CA VAL A 201 -13.19 -4.03 7.73
C VAL A 201 -12.71 -4.85 6.57
N GLU A 202 -12.08 -4.21 5.58
CA GLU A 202 -11.51 -4.85 4.42
C GLU A 202 -10.44 -5.85 4.90
N PHE A 203 -9.54 -5.40 5.79
CA PHE A 203 -8.49 -6.26 6.33
C PHE A 203 -9.03 -7.44 7.15
N LEU A 204 -10.06 -7.20 7.99
CA LEU A 204 -10.67 -8.24 8.82
C LEU A 204 -11.43 -9.26 7.97
N VAL A 205 -12.24 -8.78 6.99
CA VAL A 205 -13.02 -9.63 6.06
C VAL A 205 -12.07 -10.48 5.15
N ASN A 206 -11.01 -9.86 4.59
CA ASN A 206 -10.04 -10.55 3.73
C ASN A 206 -9.27 -11.62 4.48
N THR A 207 -8.83 -11.29 5.70
CA THR A 207 -8.11 -12.17 6.63
C THR A 207 -9.02 -13.33 7.04
N TRP A 208 -10.28 -13.04 7.42
CA TRP A 208 -11.26 -14.05 7.78
C TRP A 208 -11.54 -15.00 6.59
N LYS A 209 -11.51 -14.46 5.36
CA LYS A 209 -11.77 -15.20 4.12
C LYS A 209 -10.57 -15.98 3.62
N SER A 210 -9.36 -15.62 4.06
CA SER A 210 -8.11 -16.30 3.65
C SER A 210 -7.90 -17.63 4.40
N LYS A 211 -8.75 -17.93 5.41
CA LYS A 211 -8.67 -19.16 6.20
C LYS A 211 -9.63 -20.21 5.68
N LYS A 212 -9.22 -21.49 5.72
CA LYS A 212 -10.05 -22.63 5.32
C LYS A 212 -11.29 -22.69 6.25
N ASN A 213 -11.04 -22.75 7.58
CA ASN A 213 -12.07 -22.76 8.62
C ASN A 213 -11.62 -21.72 9.65
N PRO A 214 -12.03 -20.44 9.46
CA PRO A 214 -11.54 -19.39 10.35
C PRO A 214 -12.05 -19.43 11.77
N MET A 215 -11.17 -19.03 12.68
CA MET A 215 -11.43 -18.89 14.10
C MET A 215 -10.79 -17.58 14.50
N GLY A 216 -11.54 -16.77 15.19
CA GLY A 216 -11.08 -15.48 15.66
C GLY A 216 -11.48 -15.29 17.09
N PHE A 217 -10.68 -14.49 17.79
CA PHE A 217 -10.88 -14.13 19.19
C PHE A 217 -10.16 -12.81 19.50
N SER A 218 -10.65 -12.13 20.53
CA SER A 218 -10.07 -10.90 21.05
C SER A 218 -9.46 -11.22 22.41
N TYR A 219 -8.35 -10.55 22.76
CA TYR A 219 -7.72 -10.75 24.07
C TYR A 219 -7.81 -9.48 24.89
N ASP A 220 -8.51 -9.56 26.03
CA ASP A 220 -8.73 -8.46 26.95
C ASP A 220 -7.78 -8.55 28.14
N THR A 221 -6.75 -7.66 28.19
CA THR A 221 -5.81 -7.66 29.31
C THR A 221 -6.40 -6.82 30.44
N ARG A 222 -6.51 -7.42 31.66
CA ARG A 222 -6.98 -6.77 32.88
C ARG A 222 -5.95 -5.69 33.25
N CYS A 223 -6.31 -4.39 33.08
N CYS A 223 -6.34 -4.40 33.06
CA CYS A 223 -5.50 -3.21 33.39
CA CYS A 223 -5.56 -3.16 33.24
C CYS A 223 -4.10 -3.26 32.73
C CYS A 223 -4.15 -3.27 32.70
N PHE A 224 -4.03 -3.23 31.38
CA PHE A 224 -2.80 -3.33 30.60
C PHE A 224 -1.67 -2.40 31.07
N ASP A 225 -1.95 -1.12 31.30
CA ASP A 225 -0.94 -0.15 31.77
C ASP A 225 -0.26 -0.61 33.05
N SER A 226 -1.05 -1.17 33.98
CA SER A 226 -0.52 -1.67 35.24
C SER A 226 0.28 -2.97 35.08
N THR A 227 0.02 -3.75 34.02
CA THR A 227 0.73 -5.02 33.78
C THR A 227 2.13 -4.79 33.16
N VAL A 228 2.34 -3.60 32.54
CA VAL A 228 3.59 -3.19 31.89
C VAL A 228 4.68 -3.05 32.98
N THR A 229 5.71 -3.91 32.90
CA THR A 229 6.83 -3.95 33.85
C THR A 229 7.99 -3.04 33.37
N GLU A 230 9.02 -2.84 34.24
CA GLU A 230 10.24 -2.08 33.95
C GLU A 230 10.96 -2.72 32.76
N ASN A 231 10.98 -4.08 32.70
CA ASN A 231 11.56 -4.85 31.62
C ASN A 231 10.93 -4.43 30.27
N ASP A 232 9.59 -4.41 30.21
CA ASP A 232 8.80 -4.04 29.03
C ASP A 232 9.15 -2.66 28.51
N ILE A 233 9.29 -1.70 29.44
CA ILE A 233 9.61 -0.31 29.16
C ILE A 233 11.06 -0.19 28.61
N ARG A 234 12.01 -0.98 29.19
CA ARG A 234 13.40 -1.03 28.75
C ARG A 234 13.51 -1.69 27.37
N VAL A 235 12.70 -2.75 27.13
CA VAL A 235 12.60 -3.48 25.86
C VAL A 235 12.06 -2.53 24.76
N GLU A 236 11.10 -1.63 25.10
CA GLU A 236 10.56 -0.62 24.20
C GLU A 236 11.65 0.36 23.76
N GLU A 237 12.48 0.82 24.72
CA GLU A 237 13.59 1.74 24.46
C GLU A 237 14.63 1.08 23.54
N SER A 238 14.99 -0.20 23.80
CA SER A 238 15.95 -0.92 22.95
C SER A 238 15.47 -1.02 21.48
N ILE A 239 14.14 -1.11 21.27
CA ILE A 239 13.47 -1.13 19.96
C ILE A 239 13.57 0.29 19.37
N TYR A 240 13.29 1.35 20.17
CA TYR A 240 13.39 2.75 19.70
C TYR A 240 14.84 3.08 19.31
N GLN A 241 15.81 2.51 20.04
CA GLN A 241 17.25 2.72 19.85
C GLN A 241 17.81 2.00 18.62
N CYS A 242 16.99 1.15 17.95
CA CYS A 242 17.39 0.45 16.72
C CYS A 242 17.36 1.42 15.55
N CYS A 243 16.47 2.42 15.60
CA CYS A 243 16.27 3.48 14.59
C CYS A 243 17.54 4.27 14.29
N ASP A 244 17.58 4.89 13.10
CA ASP A 244 18.64 5.80 12.71
C ASP A 244 18.20 7.10 13.37
N LEU A 245 18.87 7.47 14.47
CA LEU A 245 18.54 8.67 15.24
C LEU A 245 19.73 9.62 15.38
N ALA A 246 19.41 10.91 15.59
CA ALA A 246 20.40 11.95 15.86
C ALA A 246 20.91 11.69 17.30
N PRO A 247 22.20 11.98 17.64
CA PRO A 247 22.68 11.70 19.00
C PRO A 247 21.93 12.40 20.14
N GLU A 248 21.26 13.54 19.83
CA GLU A 248 20.45 14.27 20.81
C GLU A 248 19.19 13.46 21.10
N ALA A 249 18.53 12.93 20.05
CA ALA A 249 17.32 12.10 20.15
C ALA A 249 17.60 10.80 20.94
N ARG A 250 18.74 10.10 20.68
CA ARG A 250 19.15 8.87 21.40
C ARG A 250 19.30 9.13 22.89
N GLN A 251 19.97 10.25 23.24
CA GLN A 251 20.21 10.67 24.63
C GLN A 251 18.90 11.04 25.31
N ALA A 252 18.01 11.77 24.60
CA ALA A 252 16.71 12.17 25.14
C ALA A 252 15.79 10.96 25.31
N ILE A 253 15.91 9.92 24.44
CA ILE A 253 15.10 8.71 24.50
C ILE A 253 15.52 7.87 25.70
N LYS A 254 16.85 7.69 25.90
CA LYS A 254 17.40 6.97 27.03
C LYS A 254 17.02 7.67 28.34
N SER A 255 17.11 9.02 28.34
CA SER A 255 16.82 9.90 29.47
C SER A 255 15.33 9.82 29.87
N LEU A 256 14.41 10.08 28.91
CA LEU A 256 12.97 9.99 29.13
C LEU A 256 12.55 8.58 29.59
N THR A 257 13.28 7.51 29.16
CA THR A 257 13.01 6.13 29.56
C THR A 257 13.33 5.92 31.04
N GLU A 258 14.57 6.24 31.47
CA GLU A 258 15.05 6.06 32.84
C GLU A 258 14.30 6.92 33.85
N ARG A 259 14.08 8.20 33.49
CA ARG A 259 13.49 9.26 34.30
C ARG A 259 11.97 9.34 34.31
N LEU A 260 11.31 8.90 33.22
CA LEU A 260 9.86 9.06 33.10
C LEU A 260 9.08 7.78 32.74
N TYR A 261 9.42 7.11 31.63
CA TYR A 261 8.66 5.97 31.13
C TYR A 261 8.69 4.76 32.07
N ILE A 262 9.85 4.45 32.69
CA ILE A 262 10.02 3.33 33.64
C ILE A 262 9.19 3.59 34.92
N GLY A 263 9.16 4.84 35.36
CA GLY A 263 8.42 5.23 36.54
C GLY A 263 8.82 6.57 37.09
N GLY A 264 8.19 6.92 38.21
CA GLY A 264 8.44 8.18 38.89
C GLY A 264 7.40 8.54 39.93
N PRO A 265 7.62 9.65 40.66
CA PRO A 265 6.64 10.06 41.70
C PRO A 265 5.31 10.52 41.09
N LEU A 266 4.22 10.30 41.85
CA LEU A 266 2.86 10.67 41.51
C LEU A 266 2.47 11.82 42.42
N THR A 267 2.04 12.94 41.82
CA THR A 267 1.70 14.16 42.53
C THR A 267 0.28 14.59 42.17
N ASN A 268 -0.56 14.94 43.16
CA ASN A 268 -1.92 15.38 42.87
C ASN A 268 -1.97 16.83 42.38
N SER A 269 -3.20 17.32 42.04
CA SER A 269 -3.43 18.68 41.55
C SER A 269 -3.04 19.76 42.55
N LYS A 270 -3.03 19.40 43.86
CA LYS A 270 -2.68 20.27 44.99
C LYS A 270 -1.17 20.30 45.26
N GLY A 271 -0.42 19.45 44.58
CA GLY A 271 1.03 19.38 44.72
C GLY A 271 1.54 18.50 45.85
N GLN A 272 0.74 17.51 46.26
CA GLN A 272 1.08 16.55 47.32
C GLN A 272 1.57 15.24 46.70
N ASN A 273 2.48 14.54 47.38
CA ASN A 273 2.97 13.25 46.92
C ASN A 273 1.92 12.17 47.22
N CYS A 274 1.39 11.54 46.15
CA CYS A 274 0.36 10.48 46.18
C CYS A 274 0.94 9.07 46.23
N GLY A 275 2.16 8.91 45.72
CA GLY A 275 2.87 7.65 45.70
C GLY A 275 3.95 7.54 44.63
N TYR A 276 4.16 6.31 44.15
CA TYR A 276 5.16 6.00 43.13
C TYR A 276 4.60 5.00 42.10
N ARG A 277 4.90 5.23 40.82
CA ARG A 277 4.48 4.38 39.70
C ARG A 277 5.69 3.57 39.17
N ARG A 278 5.51 2.25 39.00
CA ARG A 278 6.52 1.32 38.46
C ARG A 278 5.95 0.55 37.24
N CYS A 279 4.95 1.16 36.59
CA CYS A 279 4.28 0.62 35.42
C CYS A 279 4.16 1.73 34.37
N ARG A 280 3.37 1.48 33.29
CA ARG A 280 3.14 2.41 32.20
C ARG A 280 2.37 3.66 32.64
N ALA A 281 2.81 4.85 32.16
CA ALA A 281 2.10 6.11 32.40
C ALA A 281 1.09 6.29 31.24
N SER A 282 -0.18 6.53 31.58
CA SER A 282 -1.25 6.68 30.59
C SER A 282 -1.21 7.98 29.79
N GLY A 283 -0.52 8.99 30.30
CA GLY A 283 -0.46 10.29 29.66
C GLY A 283 0.88 10.72 29.12
N VAL A 284 1.61 9.78 28.51
CA VAL A 284 2.91 10.07 27.88
C VAL A 284 2.78 9.84 26.37
N LEU A 285 3.71 10.38 25.56
CA LEU A 285 3.68 10.26 24.09
C LEU A 285 3.73 8.81 23.61
N THR A 286 4.56 7.99 24.27
CA THR A 286 4.81 6.59 23.95
C THR A 286 3.78 5.59 24.55
N THR A 287 2.63 6.08 25.09
CA THR A 287 1.61 5.19 25.69
C THR A 287 1.05 4.23 24.65
N SER A 288 0.51 4.77 23.54
CA SER A 288 -0.06 4.00 22.42
C SER A 288 0.99 3.10 21.78
N CYS A 289 2.11 3.68 21.32
CA CYS A 289 3.19 2.94 20.67
C CYS A 289 3.77 1.83 21.52
N GLY A 290 4.15 2.15 22.76
CA GLY A 290 4.70 1.19 23.72
C GLY A 290 3.74 0.06 24.03
N ASN A 291 2.44 0.41 24.23
CA ASN A 291 1.39 -0.58 24.47
C ASN A 291 1.22 -1.50 23.29
N THR A 292 1.30 -0.96 22.06
CA THR A 292 1.15 -1.78 20.86
C THR A 292 2.35 -2.76 20.75
N LEU A 293 3.60 -2.25 20.85
CA LEU A 293 4.82 -3.07 20.78
C LEU A 293 4.83 -4.20 21.80
N THR A 294 4.55 -3.87 23.06
CA THR A 294 4.54 -4.81 24.18
C THR A 294 3.48 -5.90 23.97
N CYS A 295 2.24 -5.51 23.60
CA CYS A 295 1.10 -6.40 23.34
C CYS A 295 1.40 -7.35 22.18
N TYR A 296 1.85 -6.79 21.04
CA TYR A 296 2.22 -7.56 19.84
C TYR A 296 3.33 -8.58 20.15
N LEU A 297 4.37 -8.18 20.90
CA LEU A 297 5.52 -9.00 21.30
C LEU A 297 5.04 -10.16 22.19
N LYS A 298 4.26 -9.85 23.23
CA LYS A 298 3.72 -10.85 24.14
C LYS A 298 2.77 -11.81 23.42
N ALA A 299 1.85 -11.26 22.57
CA ALA A 299 0.88 -12.03 21.83
C ALA A 299 1.45 -12.89 20.72
N SER A 300 2.48 -12.39 19.99
CA SER A 300 3.18 -13.14 18.93
C SER A 300 3.84 -14.38 19.51
N ALA A 301 4.56 -14.21 20.64
CA ALA A 301 5.24 -15.28 21.36
C ALA A 301 4.23 -16.28 21.93
N ALA A 302 3.06 -15.78 22.42
CA ALA A 302 1.95 -16.60 22.93
C ALA A 302 1.25 -17.36 21.77
N CYS A 303 1.23 -16.80 20.54
CA CYS A 303 0.69 -17.46 19.32
C CYS A 303 1.57 -18.71 19.11
N ARG A 304 2.91 -18.52 19.14
CA ARG A 304 3.92 -19.58 18.97
C ARG A 304 3.81 -20.65 20.06
N ALA A 305 3.68 -20.24 21.34
CA ALA A 305 3.53 -21.15 22.48
C ALA A 305 2.24 -22.02 22.34
N ALA A 306 1.09 -21.39 21.94
CA ALA A 306 -0.21 -22.06 21.75
C ALA A 306 -0.25 -22.91 20.48
N LYS A 307 0.79 -22.78 19.63
CA LYS A 307 0.93 -23.50 18.36
C LYS A 307 -0.25 -23.24 17.40
N LEU A 308 -0.73 -21.99 17.43
CA LEU A 308 -1.83 -21.45 16.63
C LEU A 308 -1.47 -21.48 15.16
N GLN A 309 -2.37 -22.05 14.34
CA GLN A 309 -2.14 -22.21 12.89
C GLN A 309 -2.58 -20.98 12.12
N ASP A 310 -1.63 -20.44 11.32
CA ASP A 310 -1.83 -19.27 10.48
C ASP A 310 -2.38 -18.05 11.25
N CYS A 311 -1.62 -17.60 12.28
CA CYS A 311 -1.93 -16.45 13.14
C CYS A 311 -1.91 -15.18 12.29
N THR A 312 -3.05 -14.46 12.22
CA THR A 312 -3.12 -13.12 11.66
C THR A 312 -3.53 -12.23 12.83
N MET A 313 -2.60 -11.37 13.26
CA MET A 313 -2.84 -10.46 14.40
C MET A 313 -3.28 -9.07 13.92
N LEU A 314 -3.97 -8.35 14.81
CA LEU A 314 -4.40 -6.98 14.63
C LEU A 314 -4.39 -6.31 16.01
N VAL A 315 -3.39 -5.44 16.22
CA VAL A 315 -3.08 -4.76 17.49
C VAL A 315 -3.26 -3.24 17.41
N ASN A 316 -3.99 -2.68 18.39
CA ASN A 316 -4.25 -1.26 18.53
C ASN A 316 -4.10 -0.98 20.03
N GLY A 317 -2.96 -0.45 20.43
CA GLY A 317 -2.66 -0.21 21.84
C GLY A 317 -2.67 -1.53 22.58
N ASP A 318 -3.50 -1.61 23.60
CA ASP A 318 -3.71 -2.80 24.43
C ASP A 318 -4.71 -3.79 23.81
N ASP A 319 -5.37 -3.37 22.73
CA ASP A 319 -6.39 -4.15 22.04
C ASP A 319 -5.76 -5.14 21.07
N LEU A 320 -6.24 -6.40 21.08
CA LEU A 320 -5.71 -7.47 20.25
C LEU A 320 -6.78 -8.36 19.63
N VAL A 321 -6.73 -8.55 18.29
CA VAL A 321 -7.56 -9.49 17.53
C VAL A 321 -6.66 -10.48 16.81
N VAL A 322 -6.96 -11.77 16.96
CA VAL A 322 -6.24 -12.86 16.32
C VAL A 322 -7.24 -13.63 15.46
N ILE A 323 -6.92 -13.82 14.17
CA ILE A 323 -7.71 -14.63 13.23
C ILE A 323 -6.75 -15.70 12.74
N CYS A 324 -7.12 -16.96 12.99
CA CYS A 324 -6.30 -18.11 12.67
C CYS A 324 -7.14 -19.27 12.17
N GLU A 325 -6.47 -20.35 11.73
CA GLU A 325 -7.12 -21.58 11.27
C GLU A 325 -7.62 -22.38 12.46
N SER A 326 -8.93 -22.68 12.49
CA SER A 326 -9.54 -23.51 13.53
C SER A 326 -9.08 -24.95 13.40
N ALA A 327 -9.08 -25.68 14.53
CA ALA A 327 -8.72 -27.09 14.63
C ALA A 327 -9.87 -27.85 15.32
N GLY A 328 -11.06 -27.26 15.29
CA GLY A 328 -12.25 -27.76 15.93
C GLY A 328 -12.45 -27.05 17.25
N THR A 329 -13.68 -27.00 17.74
CA THR A 329 -14.08 -26.29 18.98
C THR A 329 -13.25 -26.65 20.22
N GLN A 330 -12.97 -27.95 20.42
CA GLN A 330 -12.23 -28.44 21.59
C GLN A 330 -10.76 -28.08 21.55
N GLU A 331 -10.13 -28.25 20.38
CA GLU A 331 -8.73 -27.94 20.17
C GLU A 331 -8.49 -26.43 20.16
N ASP A 332 -9.52 -25.64 19.82
CA ASP A 332 -9.43 -24.18 19.82
C ASP A 332 -9.50 -23.67 21.25
N ALA A 333 -10.44 -24.21 22.06
CA ALA A 333 -10.62 -23.86 23.46
C ALA A 333 -9.36 -24.20 24.26
N ALA A 334 -8.71 -25.33 23.92
CA ALA A 334 -7.47 -25.81 24.53
C ALA A 334 -6.28 -24.92 24.13
N SER A 335 -6.20 -24.52 22.85
CA SER A 335 -5.18 -23.63 22.31
C SER A 335 -5.28 -22.23 22.95
N LEU A 336 -6.53 -21.74 23.19
CA LEU A 336 -6.75 -20.43 23.82
C LEU A 336 -6.30 -20.41 25.29
N ARG A 337 -6.32 -21.58 25.98
CA ARG A 337 -5.84 -21.73 27.35
C ARG A 337 -4.34 -21.54 27.37
N VAL A 338 -3.61 -22.22 26.46
CA VAL A 338 -2.15 -22.14 26.31
C VAL A 338 -1.74 -20.68 26.05
N PHE A 339 -2.47 -20.00 25.16
CA PHE A 339 -2.29 -18.60 24.76
C PHE A 339 -2.40 -17.69 25.99
N THR A 340 -3.43 -17.92 26.83
CA THR A 340 -3.69 -17.16 28.06
C THR A 340 -2.60 -17.48 29.12
N GLU A 341 -2.22 -18.77 29.25
CA GLU A 341 -1.15 -19.21 30.16
C GLU A 341 0.16 -18.51 29.82
N ALA A 342 0.46 -18.38 28.50
CA ALA A 342 1.64 -17.71 27.98
C ALA A 342 1.60 -16.19 28.22
N MET A 343 0.43 -15.55 27.98
CA MET A 343 0.21 -14.13 28.19
C MET A 343 0.36 -13.77 29.68
N THR A 344 -0.23 -14.61 30.57
CA THR A 344 -0.17 -14.47 32.03
C THR A 344 1.30 -14.51 32.51
N ARG A 345 2.11 -15.47 31.98
CA ARG A 345 3.54 -15.62 32.26
C ARG A 345 4.32 -14.35 31.88
N TYR A 346 3.97 -13.72 30.75
CA TYR A 346 4.60 -12.49 30.28
C TYR A 346 4.06 -11.24 30.98
N SER A 347 3.27 -11.39 32.07
CA SER A 347 2.61 -10.33 32.84
C SER A 347 1.55 -9.58 32.02
N ALA A 348 0.62 -10.34 31.42
CA ALA A 348 -0.50 -9.79 30.66
C ALA A 348 -1.70 -10.75 30.85
N PRO A 349 -2.15 -10.98 32.11
CA PRO A 349 -3.30 -11.87 32.32
C PRO A 349 -4.61 -11.25 31.82
N PRO A 350 -5.69 -12.03 31.57
CA PRO A 350 -6.90 -11.41 31.02
C PRO A 350 -7.93 -10.93 32.05
N GLY A 351 -8.86 -10.11 31.58
CA GLY A 351 -10.01 -9.67 32.35
C GLY A 351 -10.96 -10.84 32.30
N ASP A 352 -11.55 -11.04 31.12
CA ASP A 352 -12.42 -12.18 30.82
C ASP A 352 -11.60 -13.13 29.95
N PRO A 353 -11.68 -14.46 30.16
CA PRO A 353 -10.88 -15.37 29.33
C PRO A 353 -11.29 -15.33 27.85
N PRO A 354 -10.34 -15.41 26.88
CA PRO A 354 -10.76 -15.36 25.48
C PRO A 354 -11.57 -16.58 25.08
N GLN A 355 -12.50 -16.40 24.12
CA GLN A 355 -13.37 -17.47 23.66
C GLN A 355 -13.32 -17.56 22.12
N PRO A 356 -13.22 -18.79 21.55
CA PRO A 356 -13.19 -18.90 20.08
C PRO A 356 -14.54 -18.52 19.45
N GLU A 357 -14.48 -17.71 18.40
CA GLU A 357 -15.66 -17.29 17.66
C GLU A 357 -15.52 -17.79 16.24
N TYR A 358 -16.63 -18.21 15.63
CA TYR A 358 -16.63 -18.78 14.27
C TYR A 358 -17.46 -17.93 13.29
N ASP A 359 -17.96 -16.79 13.77
CA ASP A 359 -18.69 -15.78 13.01
C ASP A 359 -17.98 -14.46 13.30
N LEU A 360 -17.40 -13.83 12.25
CA LEU A 360 -16.64 -12.57 12.34
C LEU A 360 -17.41 -11.47 13.07
N GLU A 361 -18.73 -11.46 12.91
CA GLU A 361 -19.64 -10.48 13.49
C GLU A 361 -19.76 -10.59 15.02
N LEU A 362 -19.33 -11.74 15.61
CA LEU A 362 -19.36 -11.98 17.06
C LEU A 362 -18.07 -11.53 17.79
N ILE A 363 -17.02 -11.19 17.03
CA ILE A 363 -15.73 -10.73 17.54
C ILE A 363 -15.74 -9.23 17.82
N THR A 364 -15.42 -8.85 19.08
CA THR A 364 -15.37 -7.45 19.51
C THR A 364 -13.94 -7.02 19.83
N SER A 365 -13.45 -6.05 19.06
CA SER A 365 -12.11 -5.47 19.23
C SER A 365 -12.24 -3.99 18.98
N CYS A 366 -11.67 -3.16 19.91
CA CYS A 366 -11.74 -1.68 19.92
C CYS A 366 -13.19 -1.27 20.14
N SER A 367 -13.92 -2.08 20.96
CA SER A 367 -15.35 -1.93 21.32
C SER A 367 -16.26 -2.01 20.07
N SER A 368 -15.69 -2.46 18.94
CA SER A 368 -16.33 -2.57 17.63
C SER A 368 -16.38 -3.99 17.10
N ASN A 369 -17.35 -4.25 16.22
CA ASN A 369 -17.53 -5.53 15.54
C ASN A 369 -17.91 -5.25 14.09
N VAL A 370 -17.53 -6.17 13.18
CA VAL A 370 -17.85 -6.11 11.75
C VAL A 370 -19.34 -6.49 11.64
N SER A 371 -20.09 -5.82 10.74
CA SER A 371 -21.49 -6.14 10.44
C SER A 371 -21.77 -5.95 8.96
N VAL A 372 -22.96 -6.38 8.53
CA VAL A 372 -23.33 -6.32 7.12
C VAL A 372 -24.67 -5.62 6.92
N ALA A 373 -24.72 -4.84 5.82
CA ALA A 373 -25.86 -4.09 5.33
C ALA A 373 -25.82 -4.19 3.79
N HIS A 374 -26.74 -3.51 3.10
CA HIS A 374 -26.77 -3.55 1.63
C HIS A 374 -26.76 -2.14 1.07
N ASP A 375 -26.03 -1.93 -0.06
CA ASP A 375 -25.97 -0.62 -0.72
C ASP A 375 -27.22 -0.40 -1.59
N ALA A 376 -27.19 0.61 -2.49
CA ALA A 376 -28.32 0.91 -3.38
C ALA A 376 -28.66 -0.22 -4.36
N SER A 377 -27.65 -0.96 -4.87
CA SER A 377 -27.86 -2.06 -5.81
C SER A 377 -28.15 -3.43 -5.13
N GLY A 378 -28.47 -3.39 -3.83
CA GLY A 378 -28.77 -4.58 -3.02
C GLY A 378 -27.58 -5.49 -2.74
N LYS A 379 -26.36 -5.03 -3.11
CA LYS A 379 -25.08 -5.72 -2.93
C LYS A 379 -24.68 -5.67 -1.44
N ARG A 380 -24.24 -6.80 -0.87
CA ARG A 380 -23.78 -6.92 0.52
C ARG A 380 -22.58 -6.01 0.76
N VAL A 381 -22.58 -5.28 1.89
CA VAL A 381 -21.46 -4.38 2.17
C VAL A 381 -21.15 -4.41 3.68
N TYR A 382 -19.87 -4.74 3.99
CA TYR A 382 -19.31 -4.90 5.34
C TYR A 382 -18.85 -3.57 5.93
N TYR A 383 -19.25 -3.30 7.19
CA TYR A 383 -18.92 -2.05 7.90
C TYR A 383 -18.65 -2.30 9.40
N LEU A 384 -18.00 -1.33 10.08
CA LEU A 384 -17.71 -1.38 11.51
C LEU A 384 -18.80 -0.69 12.33
N THR A 385 -19.26 -1.38 13.36
CA THR A 385 -20.28 -0.89 14.28
C THR A 385 -19.89 -1.23 15.74
N ARG A 386 -20.72 -0.83 16.70
CA ARG A 386 -20.51 -1.04 18.12
C ARG A 386 -21.83 -0.86 18.87
N ASP A 387 -21.86 -1.21 20.16
CA ASP A 387 -23.06 -0.97 20.97
C ASP A 387 -23.19 0.57 21.13
N PRO A 388 -24.35 1.17 20.80
CA PRO A 388 -24.43 2.63 20.82
C PRO A 388 -24.64 3.27 22.19
N THR A 389 -24.58 2.49 23.29
CA THR A 389 -24.81 2.94 24.66
C THR A 389 -23.89 4.11 25.05
N THR A 390 -22.57 3.91 25.10
CA THR A 390 -21.60 4.96 25.45
C THR A 390 -21.67 6.12 24.42
N PRO A 391 -21.68 5.91 23.07
CA PRO A 391 -21.86 7.06 22.15
C PRO A 391 -23.13 7.87 22.42
N LEU A 392 -24.25 7.20 22.77
CA LEU A 392 -25.50 7.88 23.06
C LEU A 392 -25.49 8.61 24.39
N ALA A 393 -24.91 8.01 25.43
CA ALA A 393 -24.83 8.60 26.77
C ALA A 393 -23.97 9.86 26.73
N ARG A 394 -22.81 9.79 26.03
CA ARG A 394 -21.88 10.91 25.87
C ARG A 394 -22.50 12.04 25.06
N ALA A 395 -23.31 11.71 24.02
CA ALA A 395 -24.04 12.65 23.16
C ALA A 395 -25.06 13.41 24.01
N ALA A 396 -25.75 12.70 24.91
CA ALA A 396 -26.73 13.25 25.85
C ALA A 396 -26.06 14.28 26.78
N TRP A 397 -24.82 14.03 27.22
CA TRP A 397 -24.06 14.98 28.03
C TRP A 397 -23.69 16.21 27.21
N GLU A 398 -23.23 15.99 25.96
CA GLU A 398 -22.82 17.01 25.00
C GLU A 398 -23.97 17.88 24.48
N THR A 399 -25.22 17.42 24.67
CA THR A 399 -26.44 18.17 24.31
C THR A 399 -26.63 19.31 25.33
N ALA A 400 -26.24 19.10 26.60
CA ALA A 400 -26.39 20.08 27.67
C ALA A 400 -25.12 20.86 28.01
N ARG A 401 -23.94 20.20 27.96
CA ARG A 401 -22.64 20.83 28.28
C ARG A 401 -21.69 20.85 27.11
N HIS A 402 -20.96 21.98 26.95
CA HIS A 402 -19.92 22.13 25.95
C HIS A 402 -18.65 21.47 26.49
N THR A 403 -18.17 20.44 25.80
CA THR A 403 -16.98 19.67 26.18
C THR A 403 -15.79 20.06 25.27
N PRO A 404 -14.53 19.98 25.76
CA PRO A 404 -13.39 20.35 24.90
C PRO A 404 -13.23 19.44 23.68
N VAL A 405 -13.66 18.16 23.81
CA VAL A 405 -13.64 17.17 22.75
C VAL A 405 -15.07 16.66 22.57
N ASN A 406 -15.61 16.82 21.36
CA ASN A 406 -16.97 16.41 21.01
C ASN A 406 -16.97 14.96 20.51
N SER A 407 -17.34 14.03 21.41
CA SER A 407 -17.42 12.60 21.09
C SER A 407 -18.42 12.28 19.97
N TRP A 408 -19.53 13.03 19.85
CA TRP A 408 -20.52 12.81 18.80
C TRP A 408 -19.98 13.03 17.38
N LEU A 409 -19.03 13.98 17.22
CA LEU A 409 -18.42 14.32 15.94
C LEU A 409 -17.47 13.19 15.51
N GLY A 410 -16.67 12.70 16.45
CA GLY A 410 -15.76 11.58 16.21
C GLY A 410 -16.57 10.33 15.89
N ASN A 411 -17.70 10.14 16.61
CA ASN A 411 -18.60 8.99 16.43
C ASN A 411 -19.33 9.02 15.09
N ILE A 412 -19.66 10.23 14.56
CA ILE A 412 -20.26 10.38 13.22
C ILE A 412 -19.17 10.06 12.18
N ILE A 413 -17.92 10.50 12.41
CA ILE A 413 -16.81 10.26 11.50
C ILE A 413 -16.50 8.77 11.39
N MET A 414 -16.27 8.10 12.52
CA MET A 414 -15.85 6.72 12.56
C MET A 414 -16.99 5.70 12.35
N TYR A 415 -18.22 6.03 12.77
CA TYR A 415 -19.35 5.11 12.62
C TYR A 415 -20.44 5.65 11.68
N ALA A 416 -20.04 6.42 10.66
CA ALA A 416 -20.93 6.98 9.63
C ALA A 416 -21.81 5.95 8.89
N PRO A 417 -21.35 4.71 8.52
CA PRO A 417 -22.27 3.78 7.84
C PRO A 417 -23.29 3.13 8.77
N THR A 418 -23.20 3.35 10.09
CA THR A 418 -24.11 2.71 11.04
C THR A 418 -25.49 3.34 11.10
N LEU A 419 -26.48 2.51 11.44
CA LEU A 419 -27.88 2.83 11.61
C LEU A 419 -28.08 3.90 12.69
N TRP A 420 -27.52 3.69 13.89
CA TRP A 420 -27.63 4.58 15.05
C TRP A 420 -26.95 5.96 14.85
N ALA A 421 -25.80 6.02 14.18
CA ALA A 421 -25.11 7.29 13.94
C ALA A 421 -25.82 8.15 12.90
N ARG A 422 -26.37 7.51 11.86
CA ARG A 422 -27.10 8.19 10.79
C ARG A 422 -28.46 8.68 11.24
N MET A 423 -29.25 7.79 11.84
CA MET A 423 -30.62 8.08 12.27
C MET A 423 -30.70 8.92 13.55
N ILE A 424 -29.74 8.77 14.47
CA ILE A 424 -29.82 9.48 15.73
C ILE A 424 -28.75 10.57 15.85
N LEU A 425 -27.46 10.22 15.75
CA LEU A 425 -26.37 11.19 15.94
C LEU A 425 -26.38 12.34 14.92
N MET A 426 -26.55 12.03 13.62
CA MET A 426 -26.60 13.04 12.55
C MET A 426 -27.84 13.93 12.67
N THR A 427 -29.01 13.31 12.94
CA THR A 427 -30.30 14.00 13.08
C THR A 427 -30.27 15.05 14.19
N HIS A 428 -30.04 14.60 15.43
CA HIS A 428 -29.99 15.38 16.67
C HIS A 428 -29.00 16.55 16.62
N PHE A 429 -27.73 16.28 16.27
CA PHE A 429 -26.71 17.34 16.30
C PHE A 429 -26.82 18.30 15.12
N PHE A 430 -27.32 17.88 13.93
CA PHE A 430 -27.48 18.84 12.85
C PHE A 430 -28.63 19.80 13.16
N SER A 431 -29.66 19.30 13.86
CA SER A 431 -30.81 20.05 14.36
C SER A 431 -30.33 21.15 15.32
N ILE A 432 -29.47 20.79 16.29
CA ILE A 432 -28.88 21.68 17.28
C ILE A 432 -28.03 22.77 16.58
N LEU A 433 -27.26 22.37 15.55
CA LEU A 433 -26.39 23.24 14.79
C LEU A 433 -27.17 24.23 13.93
N LEU A 434 -28.28 23.75 13.30
CA LEU A 434 -29.16 24.59 12.49
C LEU A 434 -29.74 25.71 13.38
N ALA A 435 -30.34 25.32 14.53
CA ALA A 435 -30.92 26.21 15.56
C ALA A 435 -29.96 27.32 16.04
N GLN A 436 -28.68 26.99 16.23
CA GLN A 436 -27.69 27.96 16.71
C GLN A 436 -26.93 28.62 15.58
N GLU A 437 -27.22 28.20 14.32
CA GLU A 437 -26.57 28.64 13.08
C GLU A 437 -25.04 28.46 13.20
N GLN A 438 -24.63 27.32 13.80
CA GLN A 438 -23.22 26.99 14.05
C GLN A 438 -22.69 25.86 13.16
N LEU A 439 -23.23 25.77 11.94
CA LEU A 439 -22.84 24.79 10.92
C LEU A 439 -21.40 25.02 10.43
N GLU A 440 -20.99 26.30 10.30
CA GLU A 440 -19.67 26.74 9.82
C GLU A 440 -18.57 26.75 10.91
N LYS A 441 -18.93 26.51 12.19
CA LYS A 441 -18.02 26.53 13.33
C LYS A 441 -17.28 25.20 13.50
N ALA A 442 -15.94 25.24 13.54
CA ALA A 442 -15.08 24.08 13.71
C ALA A 442 -15.11 23.54 15.16
N LEU A 443 -15.27 22.21 15.30
CA LEU A 443 -15.33 21.54 16.60
C LEU A 443 -14.22 20.53 16.74
N ASP A 444 -13.63 20.45 17.95
CA ASP A 444 -12.56 19.51 18.26
C ASP A 444 -13.11 18.12 18.58
N CYS A 445 -12.50 17.09 17.97
CA CYS A 445 -12.87 15.69 18.16
C CYS A 445 -11.62 14.80 18.12
N GLN A 446 -11.74 13.54 18.60
CA GLN A 446 -10.59 12.62 18.63
C GLN A 446 -10.71 11.46 17.66
N ILE A 447 -9.62 11.22 16.93
CA ILE A 447 -9.46 10.12 15.98
C ILE A 447 -8.14 9.46 16.36
N TYR A 448 -8.21 8.20 16.85
CA TYR A 448 -7.07 7.41 17.34
C TYR A 448 -6.23 8.14 18.40
N GLY A 449 -6.92 8.86 19.29
CA GLY A 449 -6.30 9.59 20.39
C GLY A 449 -5.78 10.98 20.08
N ALA A 450 -5.70 11.34 18.77
CA ALA A 450 -5.23 12.64 18.31
C ALA A 450 -6.41 13.61 18.14
N CYS A 451 -6.20 14.89 18.51
N CYS A 451 -6.19 14.89 18.49
CA CYS A 451 -7.23 15.91 18.42
CA CYS A 451 -7.21 15.92 18.41
C CYS A 451 -7.26 16.61 17.06
C CYS A 451 -7.26 16.56 17.03
N TYR A 452 -8.48 16.72 16.50
CA TYR A 452 -8.73 17.31 15.19
C TYR A 452 -9.81 18.38 15.29
N SER A 453 -9.57 19.55 14.67
CA SER A 453 -10.57 20.61 14.58
C SER A 453 -11.27 20.39 13.25
N ILE A 454 -12.54 19.93 13.30
CA ILE A 454 -13.29 19.59 12.10
C ILE A 454 -14.55 20.45 11.95
N GLU A 455 -14.82 20.87 10.71
CA GLU A 455 -16.01 21.64 10.34
C GLU A 455 -17.13 20.66 9.98
N PRO A 456 -18.29 20.70 10.71
CA PRO A 456 -19.38 19.75 10.42
C PRO A 456 -19.94 19.78 8.99
N LEU A 457 -19.71 20.88 8.24
CA LEU A 457 -20.16 20.97 6.84
C LEU A 457 -19.30 20.10 5.92
N ASP A 458 -18.07 19.76 6.39
CA ASP A 458 -17.13 18.89 5.69
C ASP A 458 -17.42 17.40 5.87
N LEU A 459 -18.40 17.05 6.74
CA LEU A 459 -18.76 15.66 7.02
C LEU A 459 -19.08 14.82 5.77
N PRO A 460 -19.90 15.22 4.76
CA PRO A 460 -20.11 14.32 3.60
C PRO A 460 -18.85 13.92 2.84
N GLN A 461 -17.87 14.86 2.66
CA GLN A 461 -16.58 14.60 1.98
C GLN A 461 -15.69 13.69 2.81
N ILE A 462 -15.66 13.91 4.15
CA ILE A 462 -14.84 13.13 5.07
C ILE A 462 -15.26 11.66 5.05
N ILE A 463 -16.55 11.40 5.23
CA ILE A 463 -17.17 10.08 5.28
C ILE A 463 -16.96 9.31 3.98
N GLU A 464 -17.10 9.99 2.81
CA GLU A 464 -16.88 9.40 1.49
C GLU A 464 -15.45 8.85 1.40
N ARG A 465 -14.49 9.59 1.98
CA ARG A 465 -13.07 9.23 1.98
C ARG A 465 -12.70 8.05 2.89
N LEU A 466 -13.37 7.83 4.03
CA LEU A 466 -12.99 6.69 4.90
C LEU A 466 -14.02 5.53 4.93
N HIS A 467 -15.21 5.72 4.30
CA HIS A 467 -16.27 4.70 4.22
C HIS A 467 -16.78 4.42 2.80
N GLY A 468 -16.53 5.35 1.88
CA GLY A 468 -17.02 5.29 0.52
C GLY A 468 -18.43 5.85 0.41
N LEU A 469 -18.94 6.01 -0.84
CA LEU A 469 -20.29 6.55 -1.10
C LEU A 469 -21.41 5.67 -0.55
N SER A 470 -21.14 4.34 -0.40
CA SER A 470 -22.11 3.35 0.09
C SER A 470 -22.65 3.72 1.47
N ALA A 471 -21.83 4.40 2.29
CA ALA A 471 -22.18 4.85 3.65
C ALA A 471 -23.48 5.66 3.68
N PHE A 472 -23.76 6.41 2.59
CA PHE A 472 -24.95 7.23 2.43
C PHE A 472 -26.16 6.44 1.88
N SER A 473 -25.92 5.21 1.36
CA SER A 473 -26.98 4.41 0.75
C SER A 473 -27.29 3.08 1.47
N LEU A 474 -26.56 2.76 2.57
CA LEU A 474 -26.77 1.51 3.31
C LEU A 474 -28.17 1.31 3.84
N HIS A 475 -28.69 0.09 3.67
CA HIS A 475 -30.03 -0.33 4.12
C HIS A 475 -30.01 -1.82 4.46
N SER A 476 -31.19 -2.41 4.74
CA SER A 476 -31.37 -3.83 5.07
C SER A 476 -30.26 -4.33 6.00
N TYR A 477 -30.24 -3.70 7.16
CA TYR A 477 -29.32 -3.96 8.25
C TYR A 477 -29.62 -5.34 8.89
N SER A 478 -28.59 -6.00 9.44
CA SER A 478 -28.70 -7.33 10.07
C SER A 478 -29.63 -7.33 11.30
N PRO A 479 -30.41 -8.43 11.54
CA PRO A 479 -31.31 -8.45 12.72
C PRO A 479 -30.60 -8.30 14.07
N GLY A 480 -29.37 -8.80 14.17
CA GLY A 480 -28.57 -8.70 15.38
C GLY A 480 -28.24 -7.27 15.76
N GLU A 481 -27.88 -6.44 14.76
CA GLU A 481 -27.55 -5.02 14.90
C GLU A 481 -28.81 -4.20 15.24
N ILE A 482 -29.93 -4.49 14.54
CA ILE A 482 -31.23 -3.83 14.75
C ILE A 482 -31.71 -4.06 16.20
N ASN A 483 -31.74 -5.34 16.67
CA ASN A 483 -32.15 -5.67 18.03
C ASN A 483 -31.24 -5.04 19.08
N ARG A 484 -29.93 -4.92 18.77
CA ARG A 484 -28.95 -4.29 19.65
C ARG A 484 -29.27 -2.80 19.83
N VAL A 485 -29.45 -2.07 18.71
CA VAL A 485 -29.81 -0.65 18.73
C VAL A 485 -31.13 -0.46 19.49
N ALA A 486 -32.19 -1.21 19.11
CA ALA A 486 -33.52 -1.19 19.74
C ALA A 486 -33.48 -1.39 21.26
N SER A 487 -32.63 -2.33 21.71
CA SER A 487 -32.43 -2.67 23.13
C SER A 487 -31.82 -1.47 23.88
N CYS A 488 -30.84 -0.80 23.25
CA CYS A 488 -30.14 0.38 23.77
C CYS A 488 -31.11 1.56 23.96
N LEU A 489 -32.02 1.77 22.97
CA LEU A 489 -33.03 2.85 22.99
C LEU A 489 -34.02 2.65 24.14
N ARG A 490 -34.46 1.39 24.36
CA ARG A 490 -35.39 1.04 25.42
C ARG A 490 -34.78 1.30 26.79
N LYS A 491 -33.49 0.96 26.92
CA LYS A 491 -32.68 1.11 28.12
C LYS A 491 -32.48 2.58 28.51
N LEU A 492 -32.04 3.42 27.57
CA LEU A 492 -31.77 4.85 27.81
C LEU A 492 -32.99 5.77 27.72
N GLY A 493 -34.05 5.29 27.07
CA GLY A 493 -35.25 6.08 26.85
C GLY A 493 -35.07 7.01 25.68
N VAL A 494 -34.55 6.46 24.57
CA VAL A 494 -34.31 7.18 23.32
C VAL A 494 -35.55 6.98 22.40
N PRO A 495 -36.11 8.04 21.75
CA PRO A 495 -37.28 7.83 20.89
C PRO A 495 -37.00 6.79 19.79
N PRO A 496 -38.02 6.00 19.35
CA PRO A 496 -37.77 4.98 18.33
C PRO A 496 -37.26 5.54 17.00
N LEU A 497 -36.70 4.66 16.15
CA LEU A 497 -36.14 5.01 14.85
C LEU A 497 -37.15 5.67 13.88
N ARG A 498 -38.46 5.40 14.07
CA ARG A 498 -39.53 6.00 13.27
C ARG A 498 -39.64 7.51 13.52
N VAL A 499 -39.40 7.94 14.79
CA VAL A 499 -39.43 9.33 15.25
C VAL A 499 -38.23 10.06 14.64
N TRP A 500 -37.06 9.38 14.62
CA TRP A 500 -35.81 9.91 14.08
C TRP A 500 -35.88 10.13 12.58
N ARG A 501 -36.63 9.28 11.85
CA ARG A 501 -36.83 9.42 10.40
C ARG A 501 -37.64 10.70 10.10
N HIS A 502 -38.73 10.90 10.88
CA HIS A 502 -39.64 12.05 10.82
C HIS A 502 -38.84 13.33 11.05
N ARG A 503 -38.04 13.35 12.13
CA ARG A 503 -37.17 14.47 12.51
C ARG A 503 -36.12 14.75 11.45
N ALA A 504 -35.53 13.70 10.84
CA ALA A 504 -34.51 13.82 9.80
C ALA A 504 -35.05 14.43 8.53
N ARG A 505 -36.35 14.21 8.22
CA ARG A 505 -37.00 14.80 7.05
C ARG A 505 -37.01 16.33 7.23
N SER A 506 -37.20 16.80 8.48
CA SER A 506 -37.19 18.21 8.87
C SER A 506 -35.80 18.78 8.76
N VAL A 507 -34.81 18.13 9.42
CA VAL A 507 -33.40 18.55 9.43
C VAL A 507 -32.85 18.64 7.99
N ARG A 508 -33.18 17.64 7.14
CA ARG A 508 -32.81 17.54 5.73
C ARG A 508 -33.35 18.73 4.94
N ALA A 509 -34.66 19.01 5.07
CA ALA A 509 -35.33 20.11 4.35
C ALA A 509 -34.76 21.48 4.73
N ARG A 510 -34.41 21.67 6.02
CA ARG A 510 -33.81 22.90 6.59
C ARG A 510 -32.40 23.10 6.06
N LEU A 511 -31.65 21.98 5.90
CA LEU A 511 -30.30 21.99 5.37
C LEU A 511 -30.31 22.33 3.88
N LEU A 512 -31.23 21.70 3.11
CA LEU A 512 -31.38 21.91 1.66
C LEU A 512 -31.77 23.36 1.33
N SER A 513 -32.72 23.94 2.11
CA SER A 513 -33.19 25.32 1.96
C SER A 513 -32.02 26.32 2.02
N GLN A 514 -31.07 26.08 2.95
CA GLN A 514 -29.89 26.92 3.20
C GLN A 514 -28.87 26.95 2.05
N GLY A 515 -28.93 25.94 1.17
CA GLY A 515 -28.03 25.81 0.02
C GLY A 515 -26.58 25.59 0.38
N GLY A 516 -25.72 25.55 -0.64
CA GLY A 516 -24.29 25.36 -0.50
C GLY A 516 -23.87 24.06 0.17
N ARG A 517 -22.91 24.17 1.11
CA ARG A 517 -22.39 23.03 1.88
C ARG A 517 -23.47 22.38 2.77
N ALA A 518 -24.42 23.20 3.27
CA ALA A 518 -25.55 22.75 4.10
C ALA A 518 -26.44 21.87 3.28
N ALA A 519 -26.73 22.26 2.01
CA ALA A 519 -27.54 21.48 1.08
C ALA A 519 -26.88 20.13 0.80
N THR A 520 -25.53 20.09 0.73
CA THR A 520 -24.74 18.87 0.53
C THR A 520 -24.93 17.92 1.72
N CYS A 521 -24.96 18.47 2.95
CA CYS A 521 -25.18 17.73 4.19
C CYS A 521 -26.57 17.09 4.21
N GLY A 522 -27.58 17.85 3.81
CA GLY A 522 -28.96 17.37 3.71
C GLY A 522 -29.09 16.29 2.65
N LYS A 523 -28.45 16.51 1.48
CA LYS A 523 -28.44 15.61 0.33
C LYS A 523 -27.85 14.23 0.65
N TYR A 524 -26.57 14.21 1.04
CA TYR A 524 -25.80 12.99 1.29
C TYR A 524 -26.12 12.31 2.62
N LEU A 525 -26.05 13.05 3.73
CA LEU A 525 -26.27 12.49 5.06
C LEU A 525 -27.72 12.06 5.33
N PHE A 526 -28.71 12.72 4.71
CA PHE A 526 -30.10 12.36 5.02
C PHE A 526 -30.90 11.83 3.86
N ASN A 527 -30.23 11.17 2.90
CA ASN A 527 -30.93 10.57 1.77
C ASN A 527 -31.82 9.41 2.19
N TRP A 528 -31.39 8.71 3.25
CA TRP A 528 -32.09 7.57 3.83
C TRP A 528 -33.50 7.93 4.33
N ALA A 529 -33.69 9.21 4.76
CA ALA A 529 -34.91 9.75 5.38
C ALA A 529 -36.09 9.90 4.45
N VAL A 530 -35.82 10.07 3.15
CA VAL A 530 -36.84 10.25 2.12
C VAL A 530 -37.04 9.02 1.25
N LYS A 531 -38.30 8.78 0.84
CA LYS A 531 -38.68 7.70 -0.07
C LYS A 531 -38.06 7.97 -1.45
N THR A 532 -38.35 9.17 -2.03
CA THR A 532 -37.81 9.62 -3.32
C THR A 532 -36.33 10.04 -3.14
N LYS A 533 -35.41 9.08 -3.35
CA LYS A 533 -33.96 9.28 -3.18
C LYS A 533 -33.38 10.23 -4.21
N LEU A 534 -32.28 10.89 -3.87
CA LEU A 534 -31.57 11.79 -4.77
C LEU A 534 -30.33 11.10 -5.36
N LYS A 535 -29.60 11.78 -6.25
CA LYS A 535 -28.42 11.19 -6.90
C LYS A 535 -27.15 11.46 -6.11
N LEU A 536 -26.57 10.40 -5.53
CA LEU A 536 -25.34 10.54 -4.73
C LEU A 536 -24.12 10.25 -5.59
N THR A 537 -23.52 11.34 -6.09
CA THR A 537 -22.37 11.36 -6.98
C THR A 537 -21.09 11.64 -6.20
N PRO A 538 -19.90 11.20 -6.70
CA PRO A 538 -18.65 11.51 -5.96
C PRO A 538 -18.46 13.01 -5.79
N ILE A 539 -18.23 13.45 -4.53
CA ILE A 539 -18.08 14.86 -4.16
C ILE A 539 -16.71 15.38 -4.62
N PRO A 540 -16.65 16.51 -5.38
CA PRO A 540 -15.35 17.05 -5.83
C PRO A 540 -14.41 17.43 -4.68
N ALA A 541 -14.98 17.94 -3.56
CA ALA A 541 -14.25 18.36 -2.36
C ALA A 541 -13.56 17.22 -1.60
N ALA A 542 -14.04 15.95 -1.77
CA ALA A 542 -13.49 14.74 -1.15
C ALA A 542 -11.99 14.53 -1.51
N SER A 543 -11.62 14.75 -2.79
CA SER A 543 -10.24 14.63 -3.28
C SER A 543 -9.36 15.76 -2.74
N ARG A 544 -9.96 16.96 -2.53
CA ARG A 544 -9.30 18.17 -2.02
C ARG A 544 -9.10 18.16 -0.49
N LEU A 545 -9.21 16.98 0.15
CA LEU A 545 -9.04 16.82 1.60
C LEU A 545 -7.61 16.41 1.97
N ASP A 546 -6.94 17.25 2.76
CA ASP A 546 -5.59 16.97 3.22
C ASP A 546 -5.70 16.03 4.45
N LEU A 547 -5.93 14.73 4.16
CA LEU A 547 -6.06 13.68 5.16
C LEU A 547 -4.69 13.18 5.65
N SER A 548 -3.66 14.08 5.61
CA SER A 548 -2.29 13.82 6.07
C SER A 548 -2.30 13.77 7.62
N GLY A 549 -1.74 12.69 8.15
CA GLY A 549 -1.71 12.46 9.60
C GLY A 549 -2.81 11.52 10.01
N TRP A 550 -3.97 11.54 9.29
CA TRP A 550 -5.13 10.67 9.51
C TRP A 550 -4.75 9.22 9.18
N PHE A 551 -4.95 8.30 10.16
CA PHE A 551 -4.69 6.87 10.04
C PHE A 551 -3.26 6.58 9.61
N VAL A 552 -2.36 6.89 10.54
CA VAL A 552 -0.93 6.71 10.47
C VAL A 552 -0.55 5.99 11.76
N ALA A 553 -0.94 6.58 12.92
CA ALA A 553 -0.64 6.03 14.24
C ALA A 553 -1.69 6.38 15.32
N GLY A 554 -1.55 5.73 16.47
CA GLY A 554 -2.38 5.98 17.64
C GLY A 554 -1.61 6.90 18.56
N TYR A 555 -2.31 7.89 19.15
CA TYR A 555 -1.67 8.85 20.05
C TYR A 555 -2.49 9.03 21.33
N SER A 556 -3.25 7.98 21.74
CA SER A 556 -4.08 8.03 22.95
C SER A 556 -3.27 8.35 24.21
N GLY A 557 -3.61 9.48 24.82
CA GLY A 557 -2.95 10.02 26.00
C GLY A 557 -1.64 10.73 25.70
N GLY A 558 -1.21 10.72 24.44
CA GLY A 558 0.04 11.32 23.99
C GLY A 558 0.05 12.82 23.73
N ASP A 559 -1.09 13.51 24.03
CA ASP A 559 -1.25 14.96 23.90
C ASP A 559 -0.93 15.49 22.46
N ILE A 560 -1.65 14.98 21.45
CA ILE A 560 -1.42 15.29 20.04
C ILE A 560 -2.61 16.01 19.39
N TYR A 561 -2.30 17.06 18.64
CA TYR A 561 -3.24 17.88 17.88
C TYR A 561 -2.76 17.92 16.42
N HIS A 562 -3.69 17.62 15.49
CA HIS A 562 -3.38 17.58 14.06
C HIS A 562 -4.10 18.65 13.25
N HIS B 1 -9.33 11.60 -36.98
CA HIS B 1 -9.04 10.32 -36.33
C HIS B 1 -8.16 10.52 -35.12
N MET B 2 -8.73 11.19 -34.11
CA MET B 2 -8.05 11.51 -32.86
C MET B 2 -7.91 10.27 -32.01
N SER B 3 -6.71 10.05 -31.46
CA SER B 3 -6.37 8.96 -30.53
C SER B 3 -7.31 9.01 -29.33
N TYR B 4 -7.55 10.23 -28.80
CA TYR B 4 -8.45 10.47 -27.67
C TYR B 4 -9.31 11.72 -27.85
N THR B 5 -10.49 11.71 -27.21
CA THR B 5 -11.40 12.84 -27.06
C THR B 5 -11.63 12.89 -25.55
N TRP B 6 -11.66 14.10 -24.96
CA TRP B 6 -11.79 14.26 -23.52
C TRP B 6 -13.03 15.06 -23.12
N THR B 7 -13.67 14.68 -22.01
CA THR B 7 -14.86 15.37 -21.48
C THR B 7 -14.44 16.58 -20.61
N GLY B 8 -13.28 16.47 -19.98
CA GLY B 8 -12.75 17.47 -19.08
C GLY B 8 -12.62 16.95 -17.67
N ALA B 9 -13.32 15.82 -17.35
CA ALA B 9 -13.25 15.14 -16.05
C ALA B 9 -11.83 14.61 -15.86
N LEU B 10 -11.29 14.81 -14.66
CA LEU B 10 -9.92 14.44 -14.31
C LEU B 10 -9.68 12.96 -14.11
N ILE B 11 -8.42 12.53 -14.31
CA ILE B 11 -7.97 11.16 -14.05
C ILE B 11 -7.64 11.16 -12.56
N THR B 12 -8.42 10.40 -11.80
CA THR B 12 -8.37 10.35 -10.34
C THR B 12 -7.63 9.14 -9.76
N PRO B 13 -6.93 9.29 -8.60
CA PRO B 13 -6.24 8.13 -8.01
C PRO B 13 -7.16 7.26 -7.16
N CYS B 14 -6.78 6.00 -6.96
CA CYS B 14 -7.55 5.03 -6.16
C CYS B 14 -7.23 5.26 -4.68
N ALA B 15 -5.92 5.24 -4.35
CA ALA B 15 -5.41 5.41 -2.98
C ALA B 15 -4.42 6.59 -2.89
N ALA B 16 -3.49 6.53 -1.92
CA ALA B 16 -2.49 7.57 -1.66
C ALA B 16 -1.45 7.60 -2.76
N GLU B 17 -0.95 8.80 -3.07
CA GLU B 17 0.08 8.98 -4.10
C GLU B 17 1.29 9.74 -3.55
N GLU B 18 2.47 9.09 -3.60
CA GLU B 18 3.77 9.64 -3.18
C GLU B 18 4.61 9.97 -4.41
N SER B 19 5.22 11.15 -4.42
CA SER B 19 6.09 11.58 -5.51
C SER B 19 7.53 11.64 -5.03
N LYS B 20 7.76 12.06 -3.78
CA LYS B 20 9.09 12.15 -3.18
C LYS B 20 9.59 10.76 -2.79
N LEU B 21 10.91 10.54 -2.90
CA LEU B 21 11.55 9.28 -2.52
C LEU B 21 11.45 9.05 -1.00
N PRO B 22 10.79 7.96 -0.53
CA PRO B 22 10.72 7.69 0.93
C PRO B 22 12.11 7.33 1.45
N ILE B 23 12.47 7.85 2.62
CA ILE B 23 13.79 7.62 3.24
C ILE B 23 13.66 6.77 4.51
N ASN B 24 14.56 5.78 4.65
CA ASN B 24 14.61 4.95 5.84
C ASN B 24 16.08 4.82 6.30
N ALA B 25 16.40 3.90 7.23
CA ALA B 25 17.77 3.73 7.71
C ALA B 25 18.73 3.08 6.68
N LEU B 26 18.18 2.44 5.62
CA LEU B 26 18.97 1.76 4.59
C LEU B 26 19.22 2.60 3.32
N SER B 27 18.46 3.70 3.14
CA SER B 27 18.52 4.58 1.97
C SER B 27 19.91 5.13 1.61
N ASN B 28 20.64 5.75 2.57
CA ASN B 28 21.94 6.38 2.36
C ASN B 28 23.07 5.45 1.93
N SER B 29 22.98 4.15 2.29
CA SER B 29 23.98 3.15 1.90
C SER B 29 23.88 2.91 0.39
N LEU B 30 22.70 3.10 -0.20
CA LEU B 30 22.53 2.94 -1.64
C LEU B 30 22.65 4.26 -2.40
N LEU B 31 21.87 5.28 -2.00
CA LEU B 31 21.75 6.56 -2.70
C LEU B 31 21.76 7.76 -1.75
N ARG B 32 22.52 8.80 -2.12
CA ARG B 32 22.62 10.03 -1.34
C ARG B 32 21.70 11.16 -1.92
N HIS B 33 21.73 11.38 -3.26
CA HIS B 33 20.96 12.46 -3.90
C HIS B 33 19.49 12.06 -4.08
N HIS B 34 18.77 12.04 -2.95
CA HIS B 34 17.36 11.67 -2.84
C HIS B 34 16.42 12.51 -3.70
N ASN B 35 16.75 13.82 -3.86
CA ASN B 35 15.99 14.78 -4.67
C ASN B 35 15.87 14.40 -6.15
N MET B 36 16.85 13.66 -6.68
N MET B 36 16.85 13.66 -6.68
CA MET B 36 16.91 13.20 -8.07
CA MET B 36 16.86 13.23 -8.08
C MET B 36 15.85 12.15 -8.39
C MET B 36 15.84 12.14 -8.40
N VAL B 37 15.52 11.30 -7.40
CA VAL B 37 14.54 10.20 -7.53
C VAL B 37 13.10 10.70 -7.25
N TYR B 38 12.15 10.38 -8.17
CA TYR B 38 10.75 10.77 -8.08
C TYR B 38 9.82 9.68 -8.64
N ALA B 39 8.55 9.69 -8.21
CA ALA B 39 7.51 8.80 -8.72
C ALA B 39 6.40 9.63 -9.33
N THR B 40 5.88 9.15 -10.47
CA THR B 40 4.80 9.80 -11.22
C THR B 40 3.47 9.68 -10.46
N THR B 41 2.59 10.68 -10.61
CA THR B 41 1.29 10.75 -9.92
C THR B 41 0.22 11.35 -10.87
N SER B 42 -1.07 11.23 -10.52
CA SER B 42 -2.20 11.78 -11.30
C SER B 42 -2.16 13.33 -11.47
N ARG B 43 -1.25 13.99 -10.75
CA ARG B 43 -1.02 15.44 -10.80
C ARG B 43 -0.54 15.86 -12.21
N SER B 44 0.28 15.01 -12.86
CA SER B 44 0.82 15.26 -14.21
C SER B 44 -0.01 14.63 -15.36
N ALA B 45 -1.12 13.92 -15.02
CA ALA B 45 -2.04 13.24 -15.95
C ALA B 45 -2.50 14.15 -17.08
N GLY B 46 -2.79 15.40 -16.75
CA GLY B 46 -3.18 16.44 -17.69
C GLY B 46 -2.13 16.68 -18.76
N LEU B 47 -0.83 16.76 -18.36
CA LEU B 47 0.30 16.95 -19.28
C LEU B 47 0.45 15.75 -20.23
N ARG B 48 0.19 14.51 -19.73
CA ARG B 48 0.25 13.29 -20.52
C ARG B 48 -0.87 13.29 -21.56
N GLN B 49 -2.12 13.58 -21.14
CA GLN B 49 -3.30 13.66 -22.02
C GLN B 49 -2.97 14.44 -23.27
N LYS B 50 -2.39 15.66 -23.12
CA LYS B 50 -1.96 16.51 -24.24
C LYS B 50 -0.96 15.84 -25.19
N LYS B 51 0.01 15.06 -24.64
CA LYS B 51 1.05 14.33 -25.41
C LYS B 51 0.49 13.16 -26.23
N VAL B 52 -0.41 12.35 -25.62
CA VAL B 52 -1.03 11.17 -26.22
C VAL B 52 -2.18 11.50 -27.20
N THR B 53 -2.73 12.74 -27.12
CA THR B 53 -3.84 13.17 -27.98
C THR B 53 -3.36 13.87 -29.24
N PHE B 54 -3.69 13.27 -30.39
CA PHE B 54 -3.35 13.76 -31.74
C PHE B 54 -4.15 13.01 -32.81
N ASP B 55 -4.20 13.60 -34.02
CA ASP B 55 -4.85 13.03 -35.19
C ASP B 55 -3.86 12.05 -35.86
N ARG B 56 -4.38 10.89 -36.30
CA ARG B 56 -3.59 9.87 -36.99
C ARG B 56 -4.04 9.79 -38.45
N LEU B 57 -3.07 9.97 -39.36
CA LEU B 57 -3.25 9.89 -40.79
C LEU B 57 -2.53 8.66 -41.27
N GLN B 58 -3.20 7.84 -42.07
CA GLN B 58 -2.68 6.57 -42.53
C GLN B 58 -2.83 6.34 -44.03
N VAL B 59 -1.69 6.08 -44.67
CA VAL B 59 -1.57 5.81 -46.10
C VAL B 59 -0.99 4.39 -46.22
N LEU B 60 -1.78 3.45 -46.74
CA LEU B 60 -1.37 2.04 -46.85
C LEU B 60 -1.11 1.62 -48.28
N ASP B 61 0.15 1.23 -48.56
CA ASP B 61 0.63 0.85 -49.89
C ASP B 61 0.73 -0.67 -50.10
N ASP B 62 1.13 -1.08 -51.33
CA ASP B 62 1.28 -2.48 -51.73
C ASP B 62 2.29 -3.26 -50.88
N HIS B 63 3.37 -2.60 -50.45
CA HIS B 63 4.34 -3.22 -49.55
C HIS B 63 3.65 -3.70 -48.29
N TYR B 64 2.85 -2.80 -47.65
CA TYR B 64 2.08 -3.07 -46.44
C TYR B 64 1.15 -4.27 -46.62
N ARG B 65 0.37 -4.29 -47.72
CA ARG B 65 -0.56 -5.37 -48.04
C ARG B 65 0.13 -6.69 -48.40
N ASP B 66 1.37 -6.63 -48.96
CA ASP B 66 2.15 -7.82 -49.31
C ASP B 66 2.63 -8.55 -48.05
N VAL B 67 3.24 -7.79 -47.11
CA VAL B 67 3.74 -8.29 -45.82
C VAL B 67 2.58 -8.89 -45.00
N LEU B 68 1.42 -8.18 -44.95
CA LEU B 68 0.22 -8.64 -44.26
C LEU B 68 -0.27 -9.99 -44.79
N LYS B 69 -0.34 -10.15 -46.13
CA LYS B 69 -0.77 -11.41 -46.77
C LYS B 69 0.20 -12.56 -46.39
N GLU B 70 1.50 -12.25 -46.27
CA GLU B 70 2.53 -13.22 -45.84
C GLU B 70 2.31 -13.57 -44.37
N MET B 71 1.98 -12.55 -43.53
CA MET B 71 1.71 -12.73 -42.10
C MET B 71 0.45 -13.58 -41.85
N LYS B 72 -0.62 -13.34 -42.64
CA LYS B 72 -1.88 -14.09 -42.54
C LYS B 72 -1.71 -15.57 -42.97
N ALA B 73 -0.79 -15.84 -43.95
CA ALA B 73 -0.50 -17.19 -44.46
C ALA B 73 0.18 -18.02 -43.36
N LYS B 74 1.16 -17.41 -42.64
CA LYS B 74 1.82 -18.05 -41.50
C LYS B 74 0.79 -18.25 -40.36
N ALA B 75 -0.03 -17.22 -40.09
CA ALA B 75 -1.02 -17.27 -39.02
C ALA B 75 -2.05 -18.36 -39.22
N SER B 76 -2.34 -18.72 -40.48
CA SER B 76 -3.31 -19.76 -40.84
C SER B 76 -2.86 -21.18 -40.46
N THR B 77 -1.58 -21.35 -40.10
CA THR B 77 -0.99 -22.62 -39.67
C THR B 77 -1.03 -22.79 -38.14
N VAL B 78 -1.43 -21.72 -37.42
CA VAL B 78 -1.53 -21.73 -35.95
C VAL B 78 -2.87 -22.36 -35.53
N LYS B 79 -2.81 -23.23 -34.52
CA LYS B 79 -3.98 -23.82 -33.88
C LYS B 79 -3.94 -23.30 -32.43
N ALA B 80 -4.99 -22.59 -32.02
CA ALA B 80 -5.10 -22.06 -30.67
C ALA B 80 -6.32 -22.67 -29.99
N LYS B 81 -6.21 -22.95 -28.69
CA LYS B 81 -7.31 -23.53 -27.92
C LYS B 81 -7.99 -22.53 -27.00
N LEU B 82 -9.24 -22.84 -26.61
CA LEU B 82 -9.96 -22.04 -25.62
C LEU B 82 -9.46 -22.49 -24.24
N LEU B 83 -9.37 -21.55 -23.31
CA LEU B 83 -8.99 -21.87 -21.93
C LEU B 83 -10.31 -22.01 -21.16
N SER B 84 -10.37 -22.92 -20.17
CA SER B 84 -11.56 -23.07 -19.32
C SER B 84 -11.57 -21.89 -18.35
N VAL B 85 -12.68 -21.67 -17.59
CA VAL B 85 -12.76 -20.57 -16.61
C VAL B 85 -11.61 -20.75 -15.62
N GLU B 86 -11.49 -21.99 -15.09
CA GLU B 86 -10.48 -22.48 -14.14
C GLU B 86 -9.06 -22.04 -14.53
N GLU B 87 -8.65 -22.39 -15.76
CA GLU B 87 -7.34 -22.13 -16.38
C GLU B 87 -7.00 -20.65 -16.47
N ALA B 88 -7.98 -19.82 -16.89
CA ALA B 88 -7.85 -18.37 -17.01
C ALA B 88 -7.73 -17.74 -15.64
N CYS B 89 -8.51 -18.24 -14.65
CA CYS B 89 -8.52 -17.78 -13.26
C CYS B 89 -7.16 -17.96 -12.59
N LYS B 90 -6.48 -19.08 -12.86
CA LYS B 90 -5.16 -19.39 -12.29
C LYS B 90 -4.05 -18.51 -12.86
N LEU B 91 -4.30 -17.88 -14.02
CA LEU B 91 -3.37 -16.96 -14.69
C LEU B 91 -3.52 -15.51 -14.19
N THR B 92 -4.51 -15.24 -13.33
CA THR B 92 -4.79 -13.90 -12.80
C THR B 92 -3.84 -13.56 -11.63
N PRO B 93 -3.09 -12.43 -11.65
CA PRO B 93 -2.23 -12.12 -10.49
C PRO B 93 -3.04 -12.02 -9.21
N PRO B 94 -2.52 -12.46 -8.04
CA PRO B 94 -3.30 -12.33 -6.78
C PRO B 94 -3.56 -10.89 -6.36
N HIS B 95 -2.75 -9.95 -6.89
CA HIS B 95 -2.83 -8.51 -6.61
C HIS B 95 -3.56 -7.72 -7.71
N SER B 96 -4.26 -8.42 -8.65
CA SER B 96 -4.98 -7.80 -9.78
C SER B 96 -6.14 -6.91 -9.32
N ALA B 97 -6.46 -5.84 -10.07
CA ALA B 97 -7.56 -4.90 -9.73
C ALA B 97 -8.90 -5.64 -9.60
N LYS B 98 -9.58 -5.42 -8.46
CA LYS B 98 -10.87 -6.05 -8.16
C LYS B 98 -11.96 -5.62 -9.13
N SER B 99 -12.98 -6.48 -9.27
CA SER B 99 -14.15 -6.24 -10.12
C SER B 99 -15.09 -5.22 -9.44
N LYS B 100 -15.84 -4.47 -10.27
CA LYS B 100 -16.83 -3.49 -9.85
C LYS B 100 -18.11 -4.25 -9.44
N PHE B 101 -18.14 -5.58 -9.72
CA PHE B 101 -19.28 -6.48 -9.51
C PHE B 101 -19.11 -7.44 -8.32
N GLY B 102 -18.60 -6.90 -7.21
CA GLY B 102 -18.45 -7.59 -5.92
C GLY B 102 -17.43 -8.69 -5.70
N TYR B 103 -16.34 -8.75 -6.47
CA TYR B 103 -15.31 -9.78 -6.26
C TYR B 103 -13.93 -9.26 -6.62
N GLY B 104 -12.90 -9.93 -6.12
CA GLY B 104 -11.51 -9.54 -6.35
C GLY B 104 -10.67 -10.62 -6.98
N ALA B 105 -9.35 -10.34 -7.12
CA ALA B 105 -8.35 -11.24 -7.74
C ALA B 105 -8.18 -12.53 -6.97
N LYS B 106 -8.12 -12.46 -5.62
CA LYS B 106 -7.97 -13.65 -4.77
C LYS B 106 -9.19 -14.56 -4.86
N ASP B 107 -10.41 -13.98 -4.99
CA ASP B 107 -11.68 -14.71 -5.17
C ASP B 107 -11.67 -15.46 -6.50
N VAL B 108 -11.07 -14.83 -7.54
CA VAL B 108 -10.92 -15.38 -8.89
C VAL B 108 -10.04 -16.64 -8.85
N ARG B 109 -8.83 -16.51 -8.25
CA ARG B 109 -7.84 -17.59 -8.10
C ARG B 109 -8.44 -18.77 -7.32
N ASN B 110 -9.21 -18.47 -6.24
CA ASN B 110 -9.86 -19.45 -5.37
C ASN B 110 -11.13 -20.03 -5.99
N LEU B 111 -11.55 -19.47 -7.15
CA LEU B 111 -12.71 -19.89 -7.94
C LEU B 111 -14.04 -19.79 -7.19
N SER B 112 -14.23 -18.67 -6.46
CA SER B 112 -15.46 -18.38 -5.72
C SER B 112 -16.65 -18.33 -6.68
N SER B 113 -17.81 -18.85 -6.24
CA SER B 113 -19.05 -18.92 -7.04
C SER B 113 -19.44 -17.58 -7.66
N LYS B 114 -19.41 -16.47 -6.88
CA LYS B 114 -19.73 -15.11 -7.31
C LYS B 114 -18.89 -14.66 -8.53
N ALA B 115 -17.57 -14.94 -8.49
CA ALA B 115 -16.60 -14.61 -9.54
C ALA B 115 -16.89 -15.39 -10.82
N VAL B 116 -16.90 -16.73 -10.73
CA VAL B 116 -17.14 -17.69 -11.82
C VAL B 116 -18.50 -17.44 -12.50
N ASN B 117 -19.56 -17.15 -11.70
CA ASN B 117 -20.89 -16.83 -12.19
C ASN B 117 -20.87 -15.54 -13.04
N HIS B 118 -20.13 -14.50 -12.58
CA HIS B 118 -19.99 -13.24 -13.33
C HIS B 118 -19.14 -13.45 -14.58
N ILE B 119 -18.04 -14.22 -14.48
CA ILE B 119 -17.16 -14.54 -15.61
C ILE B 119 -18.00 -15.18 -16.73
N HIS B 120 -18.83 -16.20 -16.39
CA HIS B 120 -19.75 -16.87 -17.31
C HIS B 120 -20.77 -15.90 -17.92
N SER B 121 -21.23 -14.89 -17.14
CA SER B 121 -22.21 -13.90 -17.62
C SER B 121 -21.60 -12.97 -18.66
N VAL B 122 -20.32 -12.57 -18.47
CA VAL B 122 -19.57 -11.70 -19.39
C VAL B 122 -19.31 -12.50 -20.69
N TRP B 123 -18.91 -13.80 -20.57
CA TRP B 123 -18.64 -14.70 -21.69
C TRP B 123 -19.86 -14.82 -22.60
N LYS B 124 -21.04 -15.11 -22.01
CA LYS B 124 -22.33 -15.23 -22.70
C LYS B 124 -22.64 -13.89 -23.40
N ASP B 125 -22.41 -12.76 -22.69
CA ASP B 125 -22.60 -11.40 -23.21
C ASP B 125 -21.70 -11.12 -24.42
N LEU B 126 -20.44 -11.61 -24.41
CA LEU B 126 -19.51 -11.44 -25.54
C LEU B 126 -19.96 -12.20 -26.79
N LEU B 127 -20.56 -13.40 -26.61
CA LEU B 127 -21.04 -14.23 -27.72
C LEU B 127 -22.30 -13.68 -28.36
N GLU B 128 -23.17 -13.02 -27.56
CA GLU B 128 -24.44 -12.46 -27.98
C GLU B 128 -24.38 -11.01 -28.46
N ASP B 129 -23.43 -10.24 -27.95
CA ASP B 129 -23.30 -8.81 -28.24
C ASP B 129 -21.93 -8.49 -28.83
N THR B 130 -21.91 -7.88 -30.02
CA THR B 130 -20.67 -7.50 -30.73
C THR B 130 -20.60 -5.99 -31.07
N VAL B 131 -21.53 -5.16 -30.55
N VAL B 131 -21.54 -5.16 -30.55
CA VAL B 131 -21.56 -3.72 -30.87
CA VAL B 131 -21.58 -3.73 -30.88
C VAL B 131 -21.29 -2.83 -29.65
C VAL B 131 -21.35 -2.80 -29.67
N THR B 132 -21.87 -3.16 -28.48
CA THR B 132 -21.76 -2.31 -27.26
C THR B 132 -20.33 -2.13 -26.74
N PRO B 133 -19.79 -0.88 -26.71
CA PRO B 133 -18.43 -0.69 -26.17
C PRO B 133 -18.33 -1.11 -24.70
N ILE B 134 -17.22 -1.78 -24.36
CA ILE B 134 -16.93 -2.26 -23.02
C ILE B 134 -16.26 -1.11 -22.25
N ASP B 135 -16.75 -0.87 -21.01
CA ASP B 135 -16.23 0.16 -20.13
C ASP B 135 -14.79 -0.16 -19.70
N THR B 136 -13.95 0.88 -19.67
CA THR B 136 -12.56 0.75 -19.22
C THR B 136 -12.27 1.76 -18.11
N THR B 137 -11.25 1.48 -17.30
CA THR B 137 -10.81 2.39 -16.27
C THR B 137 -9.50 3.03 -16.72
N ILE B 138 -9.46 4.37 -16.70
CA ILE B 138 -8.24 5.10 -17.00
C ILE B 138 -7.62 5.53 -15.68
N MET B 139 -6.36 5.18 -15.49
CA MET B 139 -5.62 5.53 -14.30
C MET B 139 -4.28 6.10 -14.72
N ALA B 140 -3.76 7.03 -13.91
CA ALA B 140 -2.43 7.59 -14.09
C ALA B 140 -1.50 6.64 -13.30
N LYS B 141 -0.45 6.12 -13.95
CA LYS B 141 0.50 5.16 -13.36
C LYS B 141 1.51 5.76 -12.41
N ASN B 142 1.86 5.00 -11.37
CA ASN B 142 2.87 5.39 -10.38
C ASN B 142 4.18 4.59 -10.62
N GLU B 143 5.17 5.24 -11.28
CA GLU B 143 6.47 4.65 -11.62
C GLU B 143 7.61 5.55 -11.20
N VAL B 144 8.71 4.93 -10.80
CA VAL B 144 9.88 5.64 -10.29
C VAL B 144 10.93 5.91 -11.40
N PHE B 145 11.42 7.16 -11.45
CA PHE B 145 12.43 7.61 -12.40
C PHE B 145 13.39 8.55 -11.72
N CYS B 146 14.51 8.83 -12.39
CA CYS B 146 15.48 9.83 -11.97
C CYS B 146 15.22 11.03 -12.87
N VAL B 147 15.35 12.26 -12.32
CA VAL B 147 15.11 13.52 -13.06
C VAL B 147 16.09 13.71 -14.23
N GLN B 148 15.63 14.45 -15.27
CA GLN B 148 16.34 14.83 -16.51
C GLN B 148 17.00 13.65 -17.23
N ARG B 154 11.72 15.55 -14.95
CA ARG B 154 10.40 14.99 -14.61
C ARG B 154 9.53 14.68 -15.85
N LYS B 155 9.05 13.41 -15.93
CA LYS B 155 8.16 12.89 -16.99
C LYS B 155 6.73 12.80 -16.42
N PRO B 156 5.66 13.11 -17.20
CA PRO B 156 4.30 12.97 -16.68
C PRO B 156 3.90 11.49 -16.57
N ALA B 157 3.00 11.16 -15.62
CA ALA B 157 2.54 9.79 -15.39
C ALA B 157 2.09 9.10 -16.67
N ARG B 158 2.56 7.85 -16.89
CA ARG B 158 2.11 7.06 -18.05
C ARG B 158 0.68 6.60 -17.74
N LEU B 159 -0.17 6.47 -18.76
CA LEU B 159 -1.57 6.08 -18.55
C LEU B 159 -1.76 4.55 -18.67
N ILE B 160 -2.76 4.00 -17.95
CA ILE B 160 -3.14 2.59 -18.00
C ILE B 160 -4.66 2.49 -18.20
N VAL B 161 -5.06 1.90 -19.34
CA VAL B 161 -6.46 1.72 -19.72
C VAL B 161 -6.78 0.22 -19.67
N PHE B 162 -7.73 -0.16 -18.80
CA PHE B 162 -8.07 -1.57 -18.59
C PHE B 162 -9.56 -1.86 -18.38
N PRO B 163 -10.07 -2.98 -18.92
CA PRO B 163 -11.48 -3.33 -18.67
C PRO B 163 -11.62 -4.02 -17.30
N ASP B 164 -12.87 -4.32 -16.89
CA ASP B 164 -13.18 -4.99 -15.62
C ASP B 164 -12.60 -6.40 -15.52
N LEU B 165 -12.24 -6.84 -14.30
CA LEU B 165 -11.64 -8.16 -13.99
C LEU B 165 -12.38 -9.34 -14.67
N GLY B 166 -13.71 -9.28 -14.72
CA GLY B 166 -14.54 -10.28 -15.40
C GLY B 166 -14.20 -10.42 -16.88
N VAL B 167 -14.08 -9.25 -17.57
CA VAL B 167 -13.68 -9.12 -18.99
C VAL B 167 -12.27 -9.66 -19.19
N ARG B 168 -11.34 -9.37 -18.25
CA ARG B 168 -9.94 -9.78 -18.35
C ARG B 168 -9.74 -11.28 -18.32
N VAL B 169 -10.59 -11.99 -17.54
CA VAL B 169 -10.61 -13.46 -17.46
C VAL B 169 -11.17 -13.99 -18.80
N CYS B 170 -12.24 -13.32 -19.33
CA CYS B 170 -12.87 -13.63 -20.62
C CYS B 170 -11.89 -13.49 -21.79
N GLU B 171 -10.98 -12.46 -21.72
CA GLU B 171 -9.89 -12.16 -22.67
C GLU B 171 -8.93 -13.34 -22.70
N LYS B 172 -8.56 -13.85 -21.52
CA LYS B 172 -7.62 -14.98 -21.36
C LYS B 172 -8.18 -16.25 -22.01
N MET B 173 -9.47 -16.54 -21.76
N MET B 173 -9.48 -16.53 -21.75
CA MET B 173 -10.14 -17.73 -22.32
CA MET B 173 -10.20 -17.69 -22.30
C MET B 173 -10.10 -17.73 -23.85
C MET B 173 -10.13 -17.73 -23.83
N ALA B 174 -10.39 -16.58 -24.47
CA ALA B 174 -10.40 -16.42 -25.92
C ALA B 174 -9.03 -16.17 -26.59
N LEU B 175 -8.06 -15.54 -25.90
CA LEU B 175 -6.83 -15.15 -26.57
C LEU B 175 -5.51 -15.50 -25.91
N TYR B 176 -5.52 -16.13 -24.73
CA TYR B 176 -4.23 -16.45 -24.11
C TYR B 176 -3.36 -17.40 -24.96
N ASP B 177 -3.98 -18.41 -25.60
CA ASP B 177 -3.20 -19.35 -26.43
C ASP B 177 -2.71 -18.70 -27.71
N VAL B 178 -3.54 -17.82 -28.30
CA VAL B 178 -3.25 -17.05 -29.51
C VAL B 178 -1.98 -16.20 -29.29
N VAL B 179 -2.01 -15.27 -28.30
CA VAL B 179 -0.94 -14.32 -27.98
C VAL B 179 0.34 -15.03 -27.48
N SER B 180 0.22 -16.30 -27.10
CA SER B 180 1.35 -17.11 -26.64
C SER B 180 1.99 -17.94 -27.74
N THR B 181 1.22 -18.33 -28.78
N THR B 181 1.22 -18.33 -28.77
CA THR B 181 1.74 -19.17 -29.86
CA THR B 181 1.71 -19.18 -29.86
C THR B 181 1.96 -18.42 -31.19
C THR B 181 1.96 -18.40 -31.16
N LEU B 182 0.91 -17.72 -31.69
CA LEU B 182 0.92 -16.96 -32.96
C LEU B 182 2.14 -16.02 -33.21
N PRO B 183 2.60 -15.15 -32.26
CA PRO B 183 3.70 -14.24 -32.60
C PRO B 183 4.97 -14.88 -33.17
N GLN B 184 5.39 -16.01 -32.59
CA GLN B 184 6.60 -16.75 -33.00
C GLN B 184 6.40 -17.44 -34.36
N VAL B 185 5.16 -17.88 -34.68
CA VAL B 185 4.85 -18.53 -35.94
C VAL B 185 4.82 -17.49 -37.08
N VAL B 186 4.29 -16.30 -36.79
CA VAL B 186 4.17 -15.23 -37.79
C VAL B 186 5.49 -14.50 -38.02
N MET B 187 6.24 -14.21 -36.95
CA MET B 187 7.47 -13.43 -37.06
C MET B 187 8.77 -14.27 -37.06
N GLY B 188 8.67 -15.55 -36.71
CA GLY B 188 9.81 -16.45 -36.66
C GLY B 188 10.87 -16.01 -35.67
N SER B 189 12.14 -15.95 -36.12
CA SER B 189 13.27 -15.51 -35.30
C SER B 189 13.25 -14.00 -34.96
N SER B 190 12.46 -13.19 -35.69
CA SER B 190 12.31 -11.74 -35.47
C SER B 190 11.56 -11.42 -34.16
N TYR B 191 10.71 -12.36 -33.68
CA TYR B 191 9.96 -12.20 -32.44
C TYR B 191 10.88 -12.29 -31.22
N GLY B 192 11.16 -11.14 -30.60
CA GLY B 192 12.08 -11.01 -29.47
C GLY B 192 11.73 -11.66 -28.15
N PHE B 193 10.44 -11.84 -27.85
CA PHE B 193 10.02 -12.41 -26.54
C PHE B 193 10.26 -13.94 -26.39
N GLN B 194 10.64 -14.66 -27.46
CA GLN B 194 10.92 -16.09 -27.41
C GLN B 194 12.30 -16.38 -26.81
N TYR B 195 13.14 -15.33 -26.67
CA TYR B 195 14.52 -15.44 -26.23
C TYR B 195 14.75 -15.10 -24.76
N SER B 196 15.71 -15.82 -24.15
CA SER B 196 16.18 -15.52 -22.81
C SER B 196 17.21 -14.40 -23.06
N PRO B 197 17.72 -13.63 -22.06
CA PRO B 197 18.70 -12.57 -22.41
C PRO B 197 19.93 -13.12 -23.16
N GLY B 198 20.33 -14.36 -22.84
CA GLY B 198 21.47 -15.07 -23.44
C GLY B 198 21.25 -15.43 -24.89
N GLN B 199 20.05 -15.95 -25.19
CA GLN B 199 19.65 -16.30 -26.56
C GLN B 199 19.49 -15.04 -27.41
N ARG B 200 19.17 -13.88 -26.76
CA ARG B 200 19.02 -12.61 -27.46
C ARG B 200 20.35 -12.07 -27.96
N VAL B 201 21.37 -12.01 -27.08
CA VAL B 201 22.71 -11.55 -27.47
C VAL B 201 23.31 -12.44 -28.52
N GLU B 202 23.07 -13.77 -28.40
CA GLU B 202 23.52 -14.76 -29.37
C GLU B 202 22.90 -14.43 -30.73
N PHE B 203 21.57 -14.17 -30.76
CA PHE B 203 20.88 -13.81 -31.99
C PHE B 203 21.37 -12.49 -32.61
N LEU B 204 21.61 -11.45 -31.79
CA LEU B 204 22.10 -10.15 -32.25
C LEU B 204 23.53 -10.24 -32.77
N VAL B 205 24.43 -10.94 -32.04
CA VAL B 205 25.84 -11.15 -32.41
C VAL B 205 25.96 -12.00 -33.70
N ASN B 206 25.18 -13.10 -33.81
CA ASN B 206 25.19 -13.97 -34.98
C ASN B 206 24.69 -13.25 -36.23
N THR B 207 23.59 -12.48 -36.09
CA THR B 207 22.97 -11.66 -37.12
C THR B 207 23.95 -10.56 -37.57
N TRP B 208 24.58 -9.85 -36.60
CA TRP B 208 25.58 -8.82 -36.88
C TRP B 208 26.79 -9.41 -37.63
N LYS B 209 27.15 -10.67 -37.30
CA LYS B 209 28.29 -11.37 -37.89
C LYS B 209 27.97 -11.99 -39.24
N SER B 210 26.67 -12.20 -39.56
CA SER B 210 26.24 -12.78 -40.85
C SER B 210 26.29 -11.76 -42.00
N LYS B 211 26.56 -10.48 -41.69
CA LYS B 211 26.62 -9.41 -42.69
C LYS B 211 28.06 -9.13 -43.09
N LYS B 212 28.29 -8.80 -44.38
CA LYS B 212 29.61 -8.45 -44.93
C LYS B 212 30.08 -7.16 -44.23
N ASN B 213 29.25 -6.10 -44.30
CA ASN B 213 29.50 -4.80 -43.66
C ASN B 213 28.20 -4.45 -42.93
N PRO B 214 28.05 -4.89 -41.66
CA PRO B 214 26.78 -4.68 -40.95
C PRO B 214 26.46 -3.25 -40.60
N MET B 215 25.17 -2.94 -40.65
CA MET B 215 24.60 -1.67 -40.26
C MET B 215 23.37 -2.01 -39.45
N GLY B 216 23.28 -1.37 -38.30
CA GLY B 216 22.20 -1.56 -37.35
C GLY B 216 21.64 -0.26 -36.84
N PHE B 217 20.33 -0.26 -36.60
CA PHE B 217 19.63 0.87 -36.04
C PHE B 217 18.37 0.42 -35.29
N SER B 218 17.92 1.26 -34.35
CA SER B 218 16.71 1.05 -33.59
C SER B 218 15.70 2.07 -34.04
N TYR B 219 14.40 1.74 -34.00
CA TYR B 219 13.34 2.68 -34.35
C TYR B 219 12.46 2.97 -33.13
N ASP B 220 12.44 4.23 -32.70
CA ASP B 220 11.68 4.71 -31.56
C ASP B 220 10.40 5.41 -32.03
N THR B 221 9.22 4.78 -31.83
CA THR B 221 7.95 5.39 -32.20
C THR B 221 7.47 6.30 -31.06
N ARG B 222 7.19 7.58 -31.38
CA ARG B 222 6.65 8.60 -30.46
C ARG B 222 5.22 8.14 -30.07
N CYS B 223 5.03 7.68 -28.80
N CYS B 223 5.06 7.68 -28.79
CA CYS B 223 3.76 7.22 -28.21
CA CYS B 223 3.86 7.11 -28.16
C CYS B 223 3.06 6.13 -29.07
C CYS B 223 3.11 6.14 -29.06
N PHE B 224 3.70 4.95 -29.21
CA PHE B 224 3.21 3.85 -30.05
C PHE B 224 1.73 3.49 -29.84
N ASP B 225 1.26 3.33 -28.59
CA ASP B 225 -0.14 3.02 -28.29
C ASP B 225 -1.11 4.02 -28.91
N SER B 226 -0.75 5.32 -28.87
CA SER B 226 -1.57 6.37 -29.45
C SER B 226 -1.53 6.40 -30.96
N THR B 227 -0.46 5.86 -31.59
CA THR B 227 -0.32 5.83 -33.06
C THR B 227 -1.15 4.69 -33.69
N VAL B 228 -1.50 3.66 -32.88
CA VAL B 228 -2.27 2.49 -33.28
C VAL B 228 -3.69 2.94 -33.65
N THR B 229 -4.06 2.79 -34.94
CA THR B 229 -5.36 3.20 -35.48
C THR B 229 -6.38 2.04 -35.43
N GLU B 230 -7.66 2.33 -35.72
CA GLU B 230 -8.75 1.36 -35.78
C GLU B 230 -8.41 0.29 -36.85
N ASN B 231 -7.83 0.73 -37.99
CA ASN B 231 -7.37 -0.15 -39.07
C ASN B 231 -6.43 -1.22 -38.52
N ASP B 232 -5.39 -0.78 -37.77
CA ASP B 232 -4.36 -1.63 -37.17
C ASP B 232 -4.96 -2.69 -36.27
N ILE B 233 -5.95 -2.30 -35.46
CA ILE B 233 -6.64 -3.16 -34.51
C ILE B 233 -7.50 -4.21 -35.26
N ARG B 234 -8.17 -3.78 -36.37
CA ARG B 234 -8.96 -4.65 -37.24
C ARG B 234 -8.06 -5.65 -38.00
N VAL B 235 -6.88 -5.18 -38.45
CA VAL B 235 -5.85 -5.97 -39.13
C VAL B 235 -5.29 -7.05 -38.16
N GLU B 236 -5.14 -6.71 -36.86
CA GLU B 236 -4.72 -7.65 -35.81
C GLU B 236 -5.73 -8.78 -35.65
N GLU B 237 -7.04 -8.44 -35.62
CA GLU B 237 -8.13 -9.40 -35.52
C GLU B 237 -8.15 -10.34 -36.73
N SER B 238 -7.99 -9.80 -37.97
CA SER B 238 -7.97 -10.61 -39.18
C SER B 238 -6.83 -11.66 -39.15
N ILE B 239 -5.69 -11.31 -38.51
CA ILE B 239 -4.52 -12.18 -38.29
C ILE B 239 -4.91 -13.24 -37.24
N TYR B 240 -5.57 -12.83 -36.12
CA TYR B 240 -6.02 -13.76 -35.08
C TYR B 240 -7.03 -14.76 -35.65
N GLN B 241 -7.88 -14.29 -36.59
CA GLN B 241 -8.95 -15.06 -37.21
C GLN B 241 -8.42 -16.07 -38.26
N CYS B 242 -7.10 -16.03 -38.57
CA CYS B 242 -6.49 -16.98 -39.51
C CYS B 242 -6.28 -18.33 -38.81
N CYS B 243 -6.07 -18.31 -37.49
CA CYS B 243 -5.87 -19.47 -36.62
C CYS B 243 -7.00 -20.49 -36.70
N ASP B 244 -6.70 -21.74 -36.34
CA ASP B 244 -7.69 -22.81 -36.23
C ASP B 244 -8.26 -22.56 -34.84
N LEU B 245 -9.48 -21.99 -34.80
CA LEU B 245 -10.13 -21.63 -33.53
C LEU B 245 -11.48 -22.30 -33.39
N ALA B 246 -11.93 -22.46 -32.14
CA ALA B 246 -13.25 -22.96 -31.80
C ALA B 246 -14.25 -21.83 -32.16
N PRO B 247 -15.51 -22.11 -32.60
CA PRO B 247 -16.42 -21.01 -32.97
C PRO B 247 -16.76 -20.05 -31.83
N GLU B 248 -16.58 -20.48 -30.56
CA GLU B 248 -16.80 -19.65 -29.38
C GLU B 248 -15.69 -18.61 -29.29
N ALA B 249 -14.41 -19.03 -29.53
CA ALA B 249 -13.22 -18.18 -29.52
C ALA B 249 -13.27 -17.14 -30.67
N ARG B 250 -13.66 -17.54 -31.90
CA ARG B 250 -13.81 -16.64 -33.06
C ARG B 250 -14.81 -15.52 -32.79
N GLN B 251 -15.95 -15.87 -32.19
CA GLN B 251 -17.01 -14.93 -31.85
C GLN B 251 -16.55 -13.98 -30.75
N ALA B 252 -15.86 -14.51 -29.72
CA ALA B 252 -15.35 -13.72 -28.61
C ALA B 252 -14.22 -12.78 -29.07
N ILE B 253 -13.41 -13.21 -30.09
CA ILE B 253 -12.31 -12.41 -30.62
C ILE B 253 -12.86 -11.25 -31.41
N LYS B 254 -13.87 -11.50 -32.27
CA LYS B 254 -14.53 -10.48 -33.07
C LYS B 254 -15.23 -9.47 -32.14
N SER B 255 -15.89 -9.98 -31.09
CA SER B 255 -16.62 -9.22 -30.09
C SER B 255 -15.68 -8.31 -29.28
N LEU B 256 -14.62 -8.89 -28.65
CA LEU B 256 -13.62 -8.13 -27.89
C LEU B 256 -12.92 -7.06 -28.77
N THR B 257 -12.77 -7.32 -30.09
CA THR B 257 -12.17 -6.39 -31.04
C THR B 257 -13.06 -5.15 -31.25
N GLU B 258 -14.34 -5.37 -31.65
CA GLU B 258 -15.31 -4.30 -31.90
C GLU B 258 -15.63 -3.46 -30.65
N ARG B 259 -15.85 -4.15 -29.53
CA ARG B 259 -16.29 -3.61 -28.25
C ARG B 259 -15.20 -3.09 -27.32
N LEU B 260 -13.97 -3.62 -27.42
CA LEU B 260 -12.91 -3.24 -26.50
C LEU B 260 -11.57 -2.80 -27.14
N TYR B 261 -10.98 -3.65 -28.01
CA TYR B 261 -9.67 -3.38 -28.57
C TYR B 261 -9.61 -2.14 -29.48
N ILE B 262 -10.64 -1.93 -30.33
CA ILE B 262 -10.76 -0.78 -31.23
C ILE B 262 -10.88 0.52 -30.43
N GLY B 263 -11.64 0.46 -29.35
CA GLY B 263 -11.85 1.60 -28.48
C GLY B 263 -13.02 1.44 -27.52
N GLY B 264 -13.28 2.51 -26.80
CA GLY B 264 -14.37 2.54 -25.84
C GLY B 264 -14.28 3.70 -24.87
N PRO B 265 -15.32 3.85 -23.99
CA PRO B 265 -15.30 4.95 -23.01
C PRO B 265 -14.21 4.77 -21.96
N LEU B 266 -13.71 5.92 -21.47
CA LEU B 266 -12.67 6.01 -20.45
C LEU B 266 -13.36 6.53 -19.19
N THR B 267 -13.22 5.78 -18.10
CA THR B 267 -13.87 6.09 -16.83
C THR B 267 -12.83 6.18 -15.73
N ASN B 268 -12.88 7.24 -14.89
CA ASN B 268 -11.93 7.38 -13.80
C ASN B 268 -12.27 6.47 -12.60
N SER B 269 -11.42 6.50 -11.55
CA SER B 269 -11.58 5.72 -10.32
C SER B 269 -12.87 6.05 -9.56
N LYS B 270 -13.41 7.27 -9.76
CA LYS B 270 -14.64 7.79 -9.16
C LYS B 270 -15.89 7.40 -9.96
N GLY B 271 -15.70 6.81 -11.13
CA GLY B 271 -16.81 6.37 -11.98
C GLY B 271 -17.40 7.43 -12.89
N GLN B 272 -16.59 8.45 -13.24
CA GLN B 272 -16.98 9.55 -14.13
C GLN B 272 -16.43 9.31 -15.53
N ASN B 273 -17.15 9.77 -16.55
CA ASN B 273 -16.70 9.64 -17.93
C ASN B 273 -15.62 10.69 -18.20
N CYS B 274 -14.39 10.23 -18.52
CA CYS B 274 -13.20 11.04 -18.82
C CYS B 274 -13.03 11.36 -20.30
N GLY B 275 -13.60 10.50 -21.14
CA GLY B 275 -13.55 10.66 -22.58
C GLY B 275 -13.73 9.37 -23.35
N TYR B 276 -13.09 9.31 -24.53
CA TYR B 276 -13.17 8.17 -25.43
C TYR B 276 -11.80 7.88 -26.05
N ARG B 277 -11.46 6.58 -26.13
CA ARG B 277 -10.21 6.10 -26.72
C ARG B 277 -10.47 5.47 -28.08
N ARG B 278 -9.70 5.88 -29.11
CA ARG B 278 -9.75 5.35 -30.48
C ARG B 278 -8.37 4.80 -30.92
N CYS B 279 -7.56 4.43 -29.93
CA CYS B 279 -6.22 3.87 -30.13
C CYS B 279 -6.08 2.62 -29.25
N ARG B 280 -4.84 2.09 -29.14
CA ARG B 280 -4.52 0.93 -28.34
C ARG B 280 -4.70 1.16 -26.84
N ALA B 281 -5.30 0.15 -26.14
CA ALA B 281 -5.45 0.16 -24.68
C ALA B 281 -4.24 -0.52 -24.12
N SER B 282 -3.56 0.14 -23.18
CA SER B 282 -2.34 -0.35 -22.56
C SER B 282 -2.53 -1.53 -21.59
N GLY B 283 -3.74 -1.71 -21.07
CA GLY B 283 -4.04 -2.75 -20.10
C GLY B 283 -4.95 -3.86 -20.55
N VAL B 284 -4.80 -4.32 -21.81
CA VAL B 284 -5.54 -5.45 -22.35
C VAL B 284 -4.58 -6.62 -22.64
N LEU B 285 -5.11 -7.85 -22.77
CA LEU B 285 -4.31 -9.05 -23.02
C LEU B 285 -3.46 -8.95 -24.30
N THR B 286 -4.05 -8.41 -25.38
CA THR B 286 -3.46 -8.27 -26.71
C THR B 286 -2.57 -7.02 -26.90
N THR B 287 -2.19 -6.30 -25.81
CA THR B 287 -1.36 -5.08 -25.93
C THR B 287 0.00 -5.42 -26.53
N SER B 288 0.75 -6.35 -25.89
CA SER B 288 2.06 -6.80 -26.35
C SER B 288 2.01 -7.42 -27.75
N CYS B 289 1.15 -8.45 -27.93
CA CYS B 289 1.00 -9.17 -29.19
C CYS B 289 0.61 -8.25 -30.34
N GLY B 290 -0.43 -7.45 -30.15
CA GLY B 290 -0.91 -6.49 -31.14
C GLY B 290 0.15 -5.47 -31.50
N ASN B 291 0.85 -4.92 -30.50
CA ASN B 291 1.93 -3.96 -30.73
C ASN B 291 3.09 -4.58 -31.50
N THR B 292 3.41 -5.86 -31.24
CA THR B 292 4.47 -6.55 -31.96
C THR B 292 4.05 -6.75 -33.43
N LEU B 293 2.85 -7.32 -33.69
CA LEU B 293 2.32 -7.55 -35.05
C LEU B 293 2.28 -6.28 -35.88
N THR B 294 1.72 -5.20 -35.32
CA THR B 294 1.57 -3.90 -35.97
C THR B 294 2.94 -3.29 -36.32
N CYS B 295 3.88 -3.29 -35.36
CA CYS B 295 5.24 -2.77 -35.51
C CYS B 295 6.02 -3.54 -36.58
N TYR B 296 6.00 -4.89 -36.49
CA TYR B 296 6.66 -5.78 -37.44
C TYR B 296 6.13 -5.57 -38.87
N LEU B 297 4.80 -5.47 -39.03
CA LEU B 297 4.10 -5.27 -40.29
C LEU B 297 4.51 -3.92 -40.90
N LYS B 298 4.42 -2.85 -40.11
CA LYS B 298 4.81 -1.52 -40.56
C LYS B 298 6.28 -1.44 -40.91
N ALA B 299 7.15 -2.02 -40.06
CA ALA B 299 8.60 -2.02 -40.22
C ALA B 299 9.09 -2.88 -41.36
N SER B 300 8.46 -4.06 -41.60
CA SER B 300 8.81 -4.98 -42.70
C SER B 300 8.56 -4.30 -44.03
N ALA B 301 7.36 -3.72 -44.20
CA ALA B 301 6.92 -2.98 -45.39
C ALA B 301 7.78 -1.71 -45.58
N ALA B 302 8.22 -1.07 -44.47
CA ALA B 302 9.10 0.10 -44.50
C ALA B 302 10.55 -0.31 -44.85
N CYS B 303 11.00 -1.56 -44.48
CA CYS B 303 12.32 -2.14 -44.80
C CYS B 303 12.36 -2.25 -46.33
N ARG B 304 11.26 -2.79 -46.93
CA ARG B 304 11.07 -2.97 -48.37
C ARG B 304 11.03 -1.65 -49.13
N ALA B 305 10.29 -0.65 -48.61
CA ALA B 305 10.16 0.66 -49.23
C ALA B 305 11.53 1.36 -49.30
N ALA B 306 12.34 1.22 -48.23
CA ALA B 306 13.68 1.79 -48.12
C ALA B 306 14.72 1.02 -48.94
N LYS B 307 14.32 -0.14 -49.51
CA LYS B 307 15.17 -1.03 -50.32
C LYS B 307 16.41 -1.51 -49.54
N LEU B 308 16.21 -1.76 -48.23
CA LEU B 308 17.20 -2.23 -47.28
C LEU B 308 17.68 -3.63 -47.64
N GLN B 309 19.02 -3.81 -47.72
CA GLN B 309 19.62 -5.08 -48.13
C GLN B 309 19.82 -6.01 -46.95
N ASP B 310 19.28 -7.25 -47.07
CA ASP B 310 19.36 -8.30 -46.06
C ASP B 310 18.85 -7.83 -44.68
N CYS B 311 17.57 -7.38 -44.61
CA CYS B 311 16.90 -6.92 -43.38
C CYS B 311 16.76 -8.08 -42.41
N THR B 312 17.34 -7.96 -41.20
CA THR B 312 17.11 -8.89 -40.10
C THR B 312 16.47 -8.04 -39.01
N MET B 313 15.20 -8.31 -38.73
CA MET B 313 14.43 -7.56 -37.73
C MET B 313 14.40 -8.28 -36.38
N LEU B 314 14.17 -7.51 -35.31
CA LEU B 314 13.98 -7.97 -33.94
C LEU B 314 13.00 -7.02 -33.26
N VAL B 315 11.78 -7.52 -33.03
CA VAL B 315 10.62 -6.78 -32.50
C VAL B 315 10.13 -7.33 -31.15
N ASN B 316 9.96 -6.42 -30.18
CA ASN B 316 9.46 -6.69 -28.83
C ASN B 316 8.48 -5.57 -28.53
N GLY B 317 7.18 -5.84 -28.67
CA GLY B 317 6.14 -4.84 -28.48
C GLY B 317 6.36 -3.72 -29.48
N ASP B 318 6.59 -2.51 -28.96
CA ASP B 318 6.85 -1.28 -29.72
C ASP B 318 8.34 -1.10 -30.11
N ASP B 319 9.24 -1.84 -29.44
N ASP B 319 9.26 -1.82 -29.42
CA ASP B 319 10.68 -1.78 -29.67
CA ASP B 319 10.70 -1.77 -29.64
C ASP B 319 11.09 -2.54 -30.92
C ASP B 319 11.14 -2.55 -30.89
N LEU B 320 12.04 -1.97 -31.68
CA LEU B 320 12.51 -2.54 -32.93
C LEU B 320 13.98 -2.33 -33.19
N VAL B 321 14.61 -3.41 -33.66
CA VAL B 321 16.00 -3.42 -34.09
C VAL B 321 16.10 -4.04 -35.46
N VAL B 322 16.80 -3.34 -36.37
CA VAL B 322 17.03 -3.79 -37.74
C VAL B 322 18.54 -3.87 -37.94
N ILE B 323 19.03 -5.05 -38.39
CA ILE B 323 20.43 -5.29 -38.75
C ILE B 323 20.41 -5.71 -40.21
N CYS B 324 21.11 -4.92 -41.05
CA CYS B 324 21.13 -5.12 -42.49
C CYS B 324 22.51 -4.82 -43.06
N GLU B 325 22.68 -5.09 -44.36
CA GLU B 325 23.93 -4.83 -45.10
C GLU B 325 24.04 -3.34 -45.39
N SER B 326 25.15 -2.71 -44.94
CA SER B 326 25.44 -1.30 -45.20
C SER B 326 25.76 -1.10 -46.68
N ALA B 327 25.49 0.12 -47.17
CA ALA B 327 25.75 0.54 -48.55
C ALA B 327 26.60 1.83 -48.53
N GLY B 328 27.27 2.05 -47.40
CA GLY B 328 28.07 3.24 -47.14
C GLY B 328 27.26 4.19 -46.30
N THR B 329 27.94 5.06 -45.54
CA THR B 329 27.34 6.03 -44.61
C THR B 329 26.23 6.92 -45.22
N GLN B 330 26.46 7.46 -46.44
CA GLN B 330 25.53 8.35 -47.13
C GLN B 330 24.29 7.64 -47.61
N GLU B 331 24.46 6.44 -48.21
CA GLU B 331 23.36 5.63 -48.72
C GLU B 331 22.54 5.02 -47.58
N ASP B 332 23.17 4.83 -46.40
CA ASP B 332 22.49 4.31 -45.22
C ASP B 332 21.61 5.40 -44.60
N ALA B 333 22.16 6.63 -44.48
CA ALA B 333 21.45 7.79 -43.94
C ALA B 333 20.24 8.12 -44.80
N ALA B 334 20.39 7.97 -46.14
CA ALA B 334 19.34 8.21 -47.12
C ALA B 334 18.26 7.11 -47.04
N SER B 335 18.68 5.84 -46.88
CA SER B 335 17.78 4.69 -46.72
C SER B 335 16.96 4.80 -45.43
N LEU B 336 17.58 5.30 -44.33
CA LEU B 336 16.87 5.48 -43.05
C LEU B 336 15.79 6.56 -43.11
N ARG B 337 15.97 7.56 -44.02
CA ARG B 337 14.99 8.62 -44.25
C ARG B 337 13.75 7.99 -44.88
N VAL B 338 13.94 7.17 -45.94
CA VAL B 338 12.87 6.48 -46.66
C VAL B 338 12.07 5.59 -45.69
N PHE B 339 12.80 4.86 -44.81
CA PHE B 339 12.26 3.98 -43.78
C PHE B 339 11.35 4.76 -42.82
N THR B 340 11.80 5.95 -42.37
CA THR B 340 11.06 6.84 -41.48
C THR B 340 9.85 7.44 -42.20
N GLU B 341 10.03 7.86 -43.48
CA GLU B 341 8.96 8.41 -44.30
C GLU B 341 7.84 7.38 -44.46
N ALA B 342 8.21 6.10 -44.65
CA ALA B 342 7.26 5.01 -44.77
C ALA B 342 6.56 4.70 -43.46
N MET B 343 7.31 4.67 -42.33
CA MET B 343 6.77 4.45 -40.98
C MET B 343 5.78 5.54 -40.60
N THR B 344 6.12 6.82 -40.88
CA THR B 344 5.28 8.02 -40.65
C THR B 344 3.94 7.89 -41.43
N ARG B 345 4.02 7.47 -42.72
CA ARG B 345 2.86 7.23 -43.59
C ARG B 345 1.93 6.16 -43.02
N TYR B 346 2.50 5.10 -42.40
CA TYR B 346 1.75 4.01 -41.76
C TYR B 346 1.25 4.39 -40.36
N SER B 347 1.36 5.68 -39.95
CA SER B 347 1.01 6.21 -38.62
C SER B 347 1.90 5.63 -37.51
N ALA B 348 3.21 5.73 -37.71
CA ALA B 348 4.21 5.31 -36.73
C ALA B 348 5.42 6.26 -36.85
N PRO B 349 5.23 7.59 -36.66
CA PRO B 349 6.37 8.52 -36.77
C PRO B 349 7.35 8.36 -35.60
N PRO B 350 8.60 8.81 -35.70
CA PRO B 350 9.53 8.58 -34.58
C PRO B 350 9.58 9.66 -33.52
N GLY B 351 10.17 9.32 -32.38
CA GLY B 351 10.45 10.26 -31.32
C GLY B 351 11.70 10.98 -31.79
N ASP B 352 12.83 10.25 -31.76
CA ASP B 352 14.12 10.70 -32.28
C ASP B 352 14.35 9.99 -33.61
N PRO B 353 14.85 10.68 -34.66
CA PRO B 353 15.05 9.98 -35.96
C PRO B 353 16.09 8.86 -35.87
N PRO B 354 15.90 7.71 -36.55
CA PRO B 354 16.91 6.64 -36.46
C PRO B 354 18.24 7.03 -37.11
N GLN B 355 19.34 6.51 -36.58
CA GLN B 355 20.69 6.82 -37.07
C GLN B 355 21.44 5.51 -37.34
N PRO B 356 22.18 5.39 -38.48
CA PRO B 356 22.93 4.14 -38.73
C PRO B 356 24.08 3.98 -37.76
N GLU B 357 24.22 2.78 -37.21
CA GLU B 357 25.31 2.44 -36.29
C GLU B 357 26.12 1.34 -36.92
N TYR B 358 27.45 1.38 -36.73
CA TYR B 358 28.36 0.41 -37.33
C TYR B 358 29.11 -0.41 -36.27
N ASP B 359 28.75 -0.19 -34.99
CA ASP B 359 29.23 -0.90 -33.81
C ASP B 359 27.99 -1.37 -33.07
N LEU B 360 27.79 -2.71 -32.95
CA LEU B 360 26.64 -3.35 -32.29
C LEU B 360 26.37 -2.80 -30.88
N GLU B 361 27.44 -2.44 -30.17
CA GLU B 361 27.40 -1.93 -28.81
C GLU B 361 26.77 -0.53 -28.70
N LEU B 362 26.66 0.20 -29.84
CA LEU B 362 26.07 1.55 -29.89
C LEU B 362 24.53 1.55 -30.13
N ILE B 363 23.98 0.38 -30.49
CA ILE B 363 22.55 0.17 -30.76
C ILE B 363 21.78 -0.10 -29.46
N THR B 364 20.75 0.72 -29.19
CA THR B 364 19.89 0.60 -28.00
C THR B 364 18.48 0.18 -28.38
N SER B 365 18.07 -0.99 -27.90
CA SER B 365 16.74 -1.58 -28.12
C SER B 365 16.31 -2.24 -26.83
N CYS B 366 15.07 -1.97 -26.37
CA CYS B 366 14.48 -2.43 -25.10
C CYS B 366 15.26 -1.80 -23.95
N SER B 367 15.74 -0.54 -24.16
CA SER B 367 16.56 0.27 -23.23
C SER B 367 17.91 -0.42 -22.91
N SER B 368 18.25 -1.45 -23.70
CA SER B 368 19.43 -2.30 -23.57
C SER B 368 20.35 -2.25 -24.77
N ASN B 369 21.63 -2.54 -24.55
CA ASN B 369 22.65 -2.64 -25.59
C ASN B 369 23.53 -3.84 -25.30
N VAL B 370 24.10 -4.44 -26.36
CA VAL B 370 25.03 -5.56 -26.29
C VAL B 370 26.37 -4.95 -25.80
N SER B 371 27.09 -5.68 -24.93
CA SER B 371 28.43 -5.29 -24.45
C SER B 371 29.31 -6.53 -24.30
N VAL B 372 30.60 -6.31 -24.09
CA VAL B 372 31.55 -7.41 -24.00
C VAL B 372 32.36 -7.34 -22.68
N ALA B 373 32.59 -8.51 -22.10
CA ALA B 373 33.38 -8.76 -20.89
C ALA B 373 34.14 -10.06 -21.16
N HIS B 374 34.90 -10.57 -20.17
CA HIS B 374 35.67 -11.81 -20.35
C HIS B 374 35.34 -12.81 -19.26
N ASP B 375 35.25 -14.10 -19.61
CA ASP B 375 34.99 -15.15 -18.63
C ASP B 375 36.27 -15.53 -17.86
N ALA B 376 36.27 -16.68 -17.15
CA ALA B 376 37.43 -17.14 -16.40
C ALA B 376 38.64 -17.46 -17.27
N SER B 377 38.42 -18.02 -18.49
CA SER B 377 39.51 -18.37 -19.40
C SER B 377 39.97 -17.20 -20.32
N GLY B 378 39.58 -15.96 -19.96
CA GLY B 378 39.91 -14.73 -20.68
C GLY B 378 39.26 -14.60 -22.04
N LYS B 379 38.34 -15.52 -22.37
CA LYS B 379 37.56 -15.57 -23.62
C LYS B 379 36.49 -14.45 -23.60
N ARG B 380 36.36 -13.71 -24.72
CA ARG B 380 35.39 -12.62 -24.91
C ARG B 380 33.97 -13.18 -24.77
N VAL B 381 33.12 -12.48 -24.00
CA VAL B 381 31.73 -12.91 -23.75
C VAL B 381 30.81 -11.72 -24.00
N TYR B 382 29.81 -11.92 -24.86
CA TYR B 382 28.82 -10.89 -25.15
C TYR B 382 27.62 -11.05 -24.24
N TYR B 383 27.17 -9.93 -23.64
CA TYR B 383 26.03 -9.87 -22.72
C TYR B 383 25.17 -8.60 -22.92
N LEU B 384 23.92 -8.62 -22.41
CA LEU B 384 23.01 -7.48 -22.45
C LEU B 384 23.09 -6.62 -21.20
N THR B 385 23.22 -5.31 -21.42
CA THR B 385 23.31 -4.31 -20.36
C THR B 385 22.43 -3.09 -20.71
N ARG B 386 22.38 -2.10 -19.80
CA ARG B 386 21.60 -0.88 -19.96
C ARG B 386 22.13 0.20 -19.01
N ASP B 387 21.63 1.44 -19.14
CA ASP B 387 22.02 2.50 -18.21
C ASP B 387 21.37 2.15 -16.84
N PRO B 388 22.14 2.09 -15.73
CA PRO B 388 21.57 1.61 -14.46
C PRO B 388 20.76 2.65 -13.67
N THR B 389 20.50 3.84 -14.25
CA THR B 389 19.78 4.94 -13.61
C THR B 389 18.39 4.52 -13.10
N THR B 390 17.47 4.13 -13.99
CA THR B 390 16.11 3.69 -13.62
C THR B 390 16.17 2.42 -12.71
N PRO B 391 16.96 1.34 -13.02
CA PRO B 391 17.07 0.22 -12.06
C PRO B 391 17.53 0.65 -10.67
N LEU B 392 18.49 1.61 -10.58
CA LEU B 392 18.98 2.09 -9.28
C LEU B 392 17.98 2.98 -8.54
N ALA B 393 17.27 3.87 -9.28
CA ALA B 393 16.30 4.78 -8.70
C ALA B 393 15.11 3.98 -8.13
N ARG B 394 14.65 2.96 -8.88
CA ARG B 394 13.56 2.08 -8.47
C ARG B 394 13.94 1.22 -7.27
N ALA B 395 15.22 0.75 -7.22
CA ALA B 395 15.81 -0.02 -6.11
C ALA B 395 15.82 0.81 -4.85
N ALA B 396 16.17 2.12 -4.98
CA ALA B 396 16.20 3.09 -3.89
C ALA B 396 14.80 3.26 -3.30
N TRP B 397 13.74 3.26 -4.14
CA TRP B 397 12.36 3.33 -3.67
C TRP B 397 11.98 2.04 -2.93
N GLU B 398 12.36 0.88 -3.50
CA GLU B 398 12.10 -0.46 -2.97
C GLU B 398 12.86 -0.77 -1.67
N THR B 399 13.89 0.03 -1.35
CA THR B 399 14.67 -0.07 -0.11
C THR B 399 13.81 0.47 1.06
N ALA B 400 12.95 1.48 0.79
CA ALA B 400 12.10 2.10 1.81
C ALA B 400 10.64 1.63 1.79
N ARG B 401 10.06 1.36 0.60
CA ARG B 401 8.68 0.91 0.44
C ARG B 401 8.56 -0.46 -0.17
N HIS B 402 7.62 -1.27 0.34
CA HIS B 402 7.29 -2.59 -0.20
C HIS B 402 6.34 -2.37 -1.37
N THR B 403 6.75 -2.78 -2.56
CA THR B 403 5.98 -2.64 -3.80
C THR B 403 5.38 -3.99 -4.22
N PRO B 404 4.22 -4.01 -4.92
CA PRO B 404 3.64 -5.30 -5.33
C PRO B 404 4.53 -6.09 -6.31
N VAL B 405 5.32 -5.38 -7.11
CA VAL B 405 6.26 -5.95 -8.07
C VAL B 405 7.65 -5.37 -7.74
N ASN B 406 8.61 -6.25 -7.43
CA ASN B 406 9.98 -5.90 -7.07
C ASN B 406 10.85 -5.81 -8.32
N SER B 407 11.07 -4.57 -8.82
CA SER B 407 11.91 -4.31 -9.99
C SER B 407 13.35 -4.78 -9.84
N TRP B 408 13.93 -4.73 -8.61
CA TRP B 408 15.30 -5.18 -8.37
C TRP B 408 15.51 -6.67 -8.63
N LEU B 409 14.47 -7.50 -8.36
CA LEU B 409 14.52 -8.94 -8.55
C LEU B 409 14.50 -9.29 -10.04
N GLY B 410 13.63 -8.63 -10.79
CA GLY B 410 13.56 -8.77 -12.23
C GLY B 410 14.86 -8.30 -12.88
N ASN B 411 15.44 -7.20 -12.36
CA ASN B 411 16.68 -6.60 -12.83
C ASN B 411 17.89 -7.49 -12.55
N ILE B 412 17.88 -8.24 -11.43
CA ILE B 412 18.95 -9.21 -11.12
C ILE B 412 18.81 -10.40 -12.07
N ILE B 413 17.57 -10.83 -12.36
CA ILE B 413 17.31 -11.96 -13.25
C ILE B 413 17.76 -11.65 -14.69
N MET B 414 17.32 -10.53 -15.24
CA MET B 414 17.57 -10.15 -16.61
C MET B 414 18.96 -9.55 -16.87
N TYR B 415 19.53 -8.85 -15.89
CA TYR B 415 20.84 -8.23 -16.05
C TYR B 415 21.90 -8.81 -15.11
N ALA B 416 21.79 -10.11 -14.79
CA ALA B 416 22.73 -10.85 -13.96
C ALA B 416 24.21 -10.78 -14.40
N PRO B 417 24.59 -10.84 -15.71
CA PRO B 417 26.03 -10.74 -16.05
C PRO B 417 26.61 -9.33 -15.93
N THR B 418 25.78 -8.31 -15.67
CA THR B 418 26.24 -6.93 -15.62
C THR B 418 26.97 -6.58 -14.32
N LEU B 419 27.89 -5.62 -14.45
CA LEU B 419 28.73 -5.06 -13.40
C LEU B 419 27.87 -4.43 -12.29
N TRP B 420 26.92 -3.55 -12.65
CA TRP B 420 26.03 -2.83 -11.75
C TRP B 420 25.04 -3.72 -10.98
N ALA B 421 24.49 -4.77 -11.62
CA ALA B 421 23.54 -5.68 -10.96
C ALA B 421 24.24 -6.60 -9.97
N ARG B 422 25.46 -7.06 -10.32
CA ARG B 422 26.26 -7.94 -9.47
C ARG B 422 26.82 -7.20 -8.27
N MET B 423 27.51 -6.06 -8.52
CA MET B 423 28.18 -5.29 -7.49
C MET B 423 27.25 -4.46 -6.62
N ILE B 424 26.12 -3.97 -7.17
CA ILE B 424 25.24 -3.12 -6.40
C ILE B 424 23.91 -3.80 -6.07
N LEU B 425 23.14 -4.24 -7.07
CA LEU B 425 21.81 -4.84 -6.84
C LEU B 425 21.84 -6.10 -5.98
N MET B 426 22.76 -7.05 -6.27
CA MET B 426 22.90 -8.30 -5.52
C MET B 426 23.39 -8.03 -4.10
N THR B 427 24.40 -7.15 -3.94
CA THR B 427 25.01 -6.80 -2.67
C THR B 427 23.97 -6.22 -1.69
N HIS B 428 23.36 -5.08 -2.07
CA HIS B 428 22.38 -4.32 -1.32
C HIS B 428 21.16 -5.14 -0.88
N PHE B 429 20.50 -5.82 -1.81
CA PHE B 429 19.28 -6.55 -1.49
C PHE B 429 19.53 -7.86 -0.75
N PHE B 430 20.68 -8.54 -0.96
CA PHE B 430 20.95 -9.75 -0.19
C PHE B 430 21.25 -9.39 1.27
N SER B 431 21.88 -8.23 1.48
CA SER B 431 22.19 -7.63 2.79
C SER B 431 20.88 -7.38 3.55
N ILE B 432 19.90 -6.73 2.89
CA ILE B 432 18.57 -6.41 3.42
C ILE B 432 17.82 -7.70 3.79
N LEU B 433 17.91 -8.72 2.94
CA LEU B 433 17.28 -10.02 3.12
C LEU B 433 17.88 -10.81 4.27
N LEU B 434 19.23 -10.77 4.41
CA LEU B 434 19.95 -11.44 5.50
C LEU B 434 19.47 -10.83 6.83
N ALA B 435 19.50 -9.48 6.96
CA ALA B 435 19.05 -8.70 8.12
C ALA B 435 17.61 -9.01 8.57
N GLN B 436 16.69 -9.22 7.62
CA GLN B 436 15.28 -9.52 7.95
C GLN B 436 15.01 -11.02 8.00
N GLU B 437 16.04 -11.83 7.67
CA GLU B 437 16.00 -13.29 7.57
C GLU B 437 14.87 -13.72 6.60
N GLN B 438 14.73 -12.97 5.49
CA GLN B 438 13.69 -13.16 4.48
C GLN B 438 14.21 -13.73 3.15
N LEU B 439 15.28 -14.55 3.23
CA LEU B 439 15.91 -15.22 2.09
C LEU B 439 14.99 -16.26 1.44
N GLU B 440 14.19 -16.97 2.27
CA GLU B 440 13.26 -18.04 1.88
C GLU B 440 11.89 -17.53 1.39
N LYS B 441 11.61 -16.22 1.52
CA LYS B 441 10.33 -15.58 1.17
C LYS B 441 10.27 -15.26 -0.32
N ALA B 442 9.22 -15.75 -1.00
CA ALA B 442 8.98 -15.52 -2.43
C ALA B 442 8.52 -14.08 -2.70
N LEU B 443 9.11 -13.45 -3.72
CA LEU B 443 8.78 -12.08 -4.12
C LEU B 443 8.29 -12.03 -5.55
N ASP B 444 7.28 -11.20 -5.81
CA ASP B 444 6.71 -11.04 -7.14
C ASP B 444 7.56 -10.07 -7.97
N CYS B 445 7.86 -10.46 -9.21
CA CYS B 445 8.64 -9.68 -10.17
C CYS B 445 8.08 -9.88 -11.58
N GLN B 446 8.48 -9.00 -12.52
CA GLN B 446 8.00 -9.09 -13.90
C GLN B 446 9.08 -9.46 -14.89
N ILE B 447 8.76 -10.44 -15.75
CA ILE B 447 9.60 -10.92 -16.83
C ILE B 447 8.72 -10.87 -18.07
N TYR B 448 9.07 -9.98 -19.02
CA TYR B 448 8.34 -9.72 -20.26
C TYR B 448 6.85 -9.37 -20.02
N GLY B 449 6.58 -8.63 -18.94
CA GLY B 449 5.25 -8.18 -18.56
C GLY B 449 4.42 -9.14 -17.73
N ALA B 450 4.87 -10.41 -17.61
CA ALA B 450 4.17 -11.44 -16.82
C ALA B 450 4.69 -11.45 -15.39
N CYS B 451 3.79 -11.67 -14.42
N CYS B 451 3.79 -11.69 -14.42
CA CYS B 451 4.16 -11.70 -13.00
CA CYS B 451 4.14 -11.73 -13.00
C CYS B 451 4.58 -13.09 -12.54
C CYS B 451 4.61 -13.11 -12.58
N TYR B 452 5.72 -13.15 -11.84
CA TYR B 452 6.34 -14.37 -11.33
C TYR B 452 6.64 -14.24 -9.85
N SER B 453 6.29 -15.27 -9.07
CA SER B 453 6.62 -15.32 -7.65
C SER B 453 7.92 -16.11 -7.60
N ILE B 454 9.04 -15.43 -7.29
CA ILE B 454 10.36 -16.03 -7.29
C ILE B 454 11.02 -15.97 -5.92
N GLU B 455 11.67 -17.07 -5.54
CA GLU B 455 12.42 -17.22 -4.30
C GLU B 455 13.87 -16.75 -4.55
N PRO B 456 14.35 -15.70 -3.83
CA PRO B 456 15.72 -15.21 -4.05
C PRO B 456 16.84 -16.22 -3.89
N LEU B 457 16.59 -17.34 -3.16
CA LEU B 457 17.59 -18.40 -2.99
C LEU B 457 17.77 -19.20 -4.28
N ASP B 458 16.77 -19.15 -5.19
CA ASP B 458 16.80 -19.81 -6.49
C ASP B 458 17.54 -19.01 -7.56
N LEU B 459 18.00 -17.79 -7.22
CA LEU B 459 18.70 -16.93 -8.17
C LEU B 459 19.90 -17.59 -8.87
N PRO B 460 20.86 -18.30 -8.21
CA PRO B 460 21.99 -18.90 -8.96
C PRO B 460 21.57 -19.87 -10.06
N GLN B 461 20.59 -20.74 -9.79
CA GLN B 461 20.06 -21.72 -10.76
C GLN B 461 19.36 -21.04 -11.95
N ILE B 462 18.61 -19.97 -11.67
CA ILE B 462 17.88 -19.19 -12.69
C ILE B 462 18.90 -18.53 -13.64
N ILE B 463 19.86 -17.77 -13.08
CA ILE B 463 20.94 -17.06 -13.77
C ILE B 463 21.76 -17.97 -14.68
N GLU B 464 22.05 -19.20 -14.22
CA GLU B 464 22.82 -20.21 -14.97
C GLU B 464 22.03 -20.60 -16.22
N ARG B 465 20.69 -20.64 -16.13
CA ARG B 465 19.84 -21.02 -17.24
C ARG B 465 19.62 -19.91 -18.25
N LEU B 466 19.69 -18.65 -17.83
CA LEU B 466 19.42 -17.52 -18.73
C LEU B 466 20.68 -16.95 -19.34
N HIS B 467 21.82 -17.08 -18.66
CA HIS B 467 23.07 -16.47 -19.11
C HIS B 467 24.25 -17.40 -19.14
N GLY B 468 24.11 -18.59 -18.53
CA GLY B 468 25.19 -19.56 -18.42
C GLY B 468 26.04 -19.31 -17.20
N LEU B 469 26.98 -20.23 -16.90
CA LEU B 469 27.89 -20.13 -15.75
C LEU B 469 28.84 -18.94 -15.82
N SER B 470 29.15 -18.44 -17.05
CA SER B 470 30.03 -17.30 -17.29
C SER B 470 29.58 -16.04 -16.54
N ALA B 471 28.25 -15.89 -16.35
CA ALA B 471 27.62 -14.75 -15.67
C ALA B 471 28.23 -14.52 -14.27
N PHE B 472 28.68 -15.60 -13.61
CA PHE B 472 29.30 -15.58 -12.29
C PHE B 472 30.83 -15.33 -12.35
N SER B 473 31.44 -15.44 -13.54
CA SER B 473 32.88 -15.28 -13.71
C SER B 473 33.31 -14.08 -14.57
N LEU B 474 32.36 -13.29 -15.10
CA LEU B 474 32.66 -12.14 -15.96
C LEU B 474 33.55 -11.10 -15.31
N HIS B 475 34.55 -10.63 -16.06
CA HIS B 475 35.51 -9.62 -15.62
C HIS B 475 35.96 -8.79 -16.84
N SER B 476 36.98 -7.92 -16.65
CA SER B 476 37.54 -7.07 -17.69
C SER B 476 36.45 -6.49 -18.60
N TYR B 477 35.60 -5.71 -17.95
CA TYR B 477 34.47 -5.03 -18.55
C TYR B 477 34.97 -3.89 -19.46
N SER B 478 34.19 -3.56 -20.52
CA SER B 478 34.53 -2.51 -21.49
C SER B 478 34.59 -1.11 -20.86
N PRO B 479 35.52 -0.22 -21.30
CA PRO B 479 35.61 1.13 -20.72
C PRO B 479 34.33 1.97 -20.85
N GLY B 480 33.59 1.78 -21.93
CA GLY B 480 32.34 2.49 -22.17
C GLY B 480 31.27 2.19 -21.13
N GLU B 481 31.15 0.90 -20.75
CA GLU B 481 30.21 0.41 -19.75
C GLU B 481 30.60 0.87 -18.35
N ILE B 482 31.92 0.78 -18.03
CA ILE B 482 32.49 1.22 -16.74
C ILE B 482 32.22 2.72 -16.52
N ASN B 483 32.55 3.58 -17.51
CA ASN B 483 32.33 5.04 -17.43
C ASN B 483 30.85 5.37 -17.30
N ARG B 484 29.98 4.56 -17.95
CA ARG B 484 28.53 4.74 -17.88
C ARG B 484 28.03 4.48 -16.44
N VAL B 485 28.42 3.34 -15.85
CA VAL B 485 28.05 2.99 -14.47
C VAL B 485 28.58 4.07 -13.51
N ALA B 486 29.88 4.40 -13.60
CA ALA B 486 30.56 5.43 -12.78
C ALA B 486 29.85 6.78 -12.82
N SER B 487 29.39 7.19 -14.01
CA SER B 487 28.66 8.45 -14.26
C SER B 487 27.33 8.45 -13.52
N CYS B 488 26.62 7.30 -13.55
CA CYS B 488 25.32 7.08 -12.91
C CYS B 488 25.45 7.20 -11.38
N LEU B 489 26.53 6.62 -10.80
CA LEU B 489 26.81 6.64 -9.36
C LEU B 489 27.06 8.06 -8.88
N ARG B 490 27.83 8.84 -9.66
CA ARG B 490 28.15 10.24 -9.33
C ARG B 490 26.88 11.09 -9.31
N LYS B 491 25.99 10.84 -10.28
CA LYS B 491 24.71 11.52 -10.48
C LYS B 491 23.74 11.28 -9.32
N LEU B 492 23.53 10.00 -8.94
CA LEU B 492 22.58 9.62 -7.89
C LEU B 492 23.15 9.68 -6.46
N GLY B 493 24.46 9.65 -6.33
CA GLY B 493 25.13 9.67 -5.03
C GLY B 493 25.27 8.27 -4.47
N VAL B 494 25.60 7.31 -5.36
CA VAL B 494 25.77 5.91 -5.02
C VAL B 494 27.24 5.66 -4.62
N PRO B 495 27.54 4.93 -3.52
CA PRO B 495 28.94 4.71 -3.15
C PRO B 495 29.74 4.02 -4.28
N PRO B 496 31.05 4.33 -4.45
CA PRO B 496 31.81 3.71 -5.55
C PRO B 496 31.86 2.18 -5.50
N LEU B 497 32.24 1.55 -6.63
CA LEU B 497 32.33 0.10 -6.78
C LEU B 497 33.29 -0.58 -5.79
N ARG B 498 34.30 0.16 -5.29
CA ARG B 498 35.25 -0.33 -4.29
C ARG B 498 34.57 -0.61 -2.95
N VAL B 499 33.57 0.24 -2.60
CA VAL B 499 32.77 0.14 -1.36
C VAL B 499 31.86 -1.08 -1.47
N TRP B 500 31.28 -1.30 -2.67
CA TRP B 500 30.39 -2.42 -2.97
C TRP B 500 31.11 -3.75 -2.91
N ARG B 501 32.41 -3.80 -3.28
CA ARG B 501 33.24 -5.01 -3.21
C ARG B 501 33.44 -5.40 -1.75
N HIS B 502 33.78 -4.41 -0.90
CA HIS B 502 34.00 -4.52 0.55
C HIS B 502 32.74 -5.09 1.20
N ARG B 503 31.58 -4.46 0.89
CA ARG B 503 30.26 -4.86 1.38
C ARG B 503 29.88 -6.27 0.94
N ALA B 504 30.21 -6.64 -0.32
CA ALA B 504 29.92 -7.96 -0.88
C ALA B 504 30.70 -9.07 -0.21
N ARG B 505 31.93 -8.76 0.25
CA ARG B 505 32.75 -9.72 0.99
C ARG B 505 32.04 -10.11 2.29
N SER B 506 31.33 -9.12 2.91
CA SER B 506 30.53 -9.28 4.13
C SER B 506 29.29 -10.12 3.84
N VAL B 507 28.49 -9.69 2.83
CA VAL B 507 27.26 -10.36 2.42
C VAL B 507 27.54 -11.84 2.06
N ARG B 508 28.64 -12.08 1.31
CA ARG B 508 29.10 -13.39 0.89
C ARG B 508 29.40 -14.28 2.09
N ALA B 509 30.21 -13.79 3.05
CA ALA B 509 30.59 -14.53 4.26
C ALA B 509 29.38 -14.91 5.12
N ARG B 510 28.39 -13.99 5.23
CA ARG B 510 27.14 -14.16 5.97
C ARG B 510 26.25 -15.22 5.31
N LEU B 511 26.24 -15.23 3.97
CA LEU B 511 25.49 -16.21 3.17
C LEU B 511 26.10 -17.61 3.31
N LEU B 512 27.45 -17.70 3.20
CA LEU B 512 28.19 -18.96 3.32
C LEU B 512 28.04 -19.61 4.69
N SER B 513 28.11 -18.79 5.78
CA SER B 513 27.94 -19.21 7.17
C SER B 513 26.62 -19.96 7.36
N GLN B 514 25.54 -19.44 6.77
CA GLN B 514 24.17 -19.96 6.84
C GLN B 514 23.97 -21.33 6.18
N GLY B 515 24.87 -21.72 5.29
CA GLY B 515 24.83 -23.00 4.59
C GLY B 515 23.66 -23.15 3.64
N GLY B 516 23.54 -24.33 3.05
CA GLY B 516 22.48 -24.70 2.12
C GLY B 516 22.40 -23.81 0.89
N ARG B 517 21.17 -23.40 0.53
CA ARG B 517 20.87 -22.54 -0.61
C ARG B 517 21.52 -21.14 -0.47
N ALA B 518 21.63 -20.64 0.78
CA ALA B 518 22.24 -19.35 1.11
C ALA B 518 23.72 -19.40 0.77
N ALA B 519 24.38 -20.53 1.11
CA ALA B 519 25.80 -20.75 0.81
C ALA B 519 26.02 -20.76 -0.70
N THR B 520 25.05 -21.30 -1.47
CA THR B 520 25.08 -21.35 -2.94
C THR B 520 25.03 -19.92 -3.51
N CYS B 521 24.20 -19.05 -2.91
CA CYS B 521 24.06 -17.65 -3.28
C CYS B 521 25.37 -16.88 -3.05
N GLY B 522 26.02 -17.11 -1.90
CA GLY B 522 27.30 -16.51 -1.56
C GLY B 522 28.40 -16.99 -2.49
N LYS B 523 28.39 -18.30 -2.77
CA LYS B 523 29.36 -18.99 -3.65
C LYS B 523 29.35 -18.46 -5.08
N TYR B 524 28.21 -18.59 -5.76
CA TYR B 524 28.04 -18.24 -7.16
C TYR B 524 27.89 -16.75 -7.42
N LEU B 525 26.94 -16.08 -6.73
CA LEU B 525 26.70 -14.65 -6.95
C LEU B 525 27.82 -13.73 -6.48
N PHE B 526 28.60 -14.11 -5.46
CA PHE B 526 29.63 -13.20 -4.98
C PHE B 526 31.06 -13.72 -5.10
N ASN B 527 31.33 -14.57 -6.11
CA ASN B 527 32.67 -15.09 -6.38
C ASN B 527 33.63 -14.01 -6.90
N TRP B 528 33.06 -12.96 -7.50
CA TRP B 528 33.78 -11.79 -8.03
C TRP B 528 34.42 -10.96 -6.90
N ALA B 529 33.79 -10.94 -5.71
CA ALA B 529 34.21 -10.16 -4.53
C ALA B 529 35.52 -10.58 -3.90
N VAL B 530 35.96 -11.84 -4.12
CA VAL B 530 37.18 -12.42 -3.55
C VAL B 530 38.27 -12.69 -4.59
N LYS B 531 39.56 -12.46 -4.23
CA LYS B 531 40.68 -12.73 -5.13
C LYS B 531 40.93 -14.24 -5.21
N THR B 532 40.58 -14.96 -4.14
CA THR B 532 40.69 -16.41 -4.02
C THR B 532 39.34 -17.05 -4.43
N LYS B 533 39.10 -17.15 -5.75
CA LYS B 533 37.86 -17.66 -6.36
C LYS B 533 37.55 -19.13 -6.06
N LEU B 534 36.27 -19.44 -5.80
CA LEU B 534 35.73 -20.78 -5.53
C LEU B 534 35.34 -21.47 -6.84
N LYS B 535 35.21 -22.82 -6.81
CA LYS B 535 34.89 -23.64 -7.98
C LYS B 535 33.43 -23.53 -8.39
N LEU B 536 33.16 -22.90 -9.55
CA LEU B 536 31.79 -22.74 -10.01
C LEU B 536 31.42 -23.84 -10.99
N THR B 537 30.76 -24.87 -10.45
CA THR B 537 30.34 -26.07 -11.15
C THR B 537 28.86 -25.99 -11.56
N PRO B 538 28.42 -26.71 -12.62
CA PRO B 538 27.01 -26.66 -12.98
C PRO B 538 26.11 -27.12 -11.82
N ILE B 539 25.12 -26.28 -11.47
CA ILE B 539 24.20 -26.51 -10.34
C ILE B 539 23.18 -27.60 -10.70
N PRO B 540 23.04 -28.68 -9.87
CA PRO B 540 22.06 -29.73 -10.19
C PRO B 540 20.61 -29.23 -10.25
N ALA B 541 20.25 -28.24 -9.39
CA ALA B 541 18.93 -27.62 -9.30
C ALA B 541 18.52 -26.82 -10.55
N ALA B 542 19.50 -26.30 -11.33
CA ALA B 542 19.25 -25.58 -12.58
C ALA B 542 18.69 -26.55 -13.64
N SER B 543 19.12 -27.83 -13.61
CA SER B 543 18.65 -28.90 -14.51
C SER B 543 17.16 -29.27 -14.27
N ARG B 544 16.68 -29.12 -13.01
CA ARG B 544 15.32 -29.44 -12.54
C ARG B 544 14.27 -28.32 -12.73
N LEU B 545 14.74 -27.08 -12.99
CA LEU B 545 13.91 -25.87 -13.15
C LEU B 545 12.89 -25.92 -14.28
N ASP B 546 11.61 -25.67 -13.93
CA ASP B 546 10.50 -25.61 -14.88
C ASP B 546 10.39 -24.14 -15.32
N LEU B 547 11.05 -23.82 -16.43
CA LEU B 547 11.12 -22.47 -16.99
C LEU B 547 10.21 -22.33 -18.21
N SER B 548 9.20 -23.22 -18.30
CA SER B 548 8.20 -23.24 -19.36
C SER B 548 7.21 -22.08 -19.18
N GLY B 549 7.18 -21.18 -20.16
CA GLY B 549 6.33 -20.00 -20.15
C GLY B 549 7.11 -18.71 -19.94
N TRP B 550 8.40 -18.84 -19.61
CA TRP B 550 9.31 -17.71 -19.34
C TRP B 550 9.62 -16.85 -20.55
N PHE B 551 10.23 -17.48 -21.57
CA PHE B 551 10.64 -16.84 -22.81
C PHE B 551 9.84 -17.44 -23.96
N VAL B 552 8.54 -17.15 -23.92
CA VAL B 552 7.58 -17.66 -24.87
C VAL B 552 6.95 -16.46 -25.54
N ALA B 553 6.41 -15.54 -24.73
CA ALA B 553 5.75 -14.33 -25.21
C ALA B 553 5.83 -13.13 -24.24
N GLY B 554 5.42 -11.96 -24.73
CA GLY B 554 5.33 -10.73 -23.97
C GLY B 554 3.88 -10.56 -23.53
N TYR B 555 3.66 -10.15 -22.28
CA TYR B 555 2.32 -9.97 -21.74
C TYR B 555 2.17 -8.63 -21.02
N SER B 556 2.99 -7.61 -21.39
CA SER B 556 2.98 -6.27 -20.76
C SER B 556 1.61 -5.63 -20.79
N GLY B 557 1.08 -5.41 -19.58
CA GLY B 557 -0.26 -4.85 -19.34
C GLY B 557 -1.38 -5.86 -19.50
N GLY B 558 -1.03 -7.11 -19.83
CA GLY B 558 -1.99 -8.18 -20.10
C GLY B 558 -2.51 -8.94 -18.90
N ASP B 559 -2.18 -8.49 -17.68
CA ASP B 559 -2.66 -9.08 -16.41
C ASP B 559 -2.42 -10.60 -16.34
N ILE B 560 -1.15 -11.00 -16.51
CA ILE B 560 -0.78 -12.41 -16.52
C ILE B 560 0.15 -12.71 -15.34
N TYR B 561 -0.12 -13.85 -14.70
CA TYR B 561 0.60 -14.41 -13.58
C TYR B 561 0.99 -15.84 -13.94
N HIS B 562 2.27 -16.18 -13.77
CA HIS B 562 2.80 -17.51 -14.10
C HIS B 562 3.30 -18.29 -12.87
ZN ZN C . 13.28 -20.33 18.96
O 1ER D . -10.86 7.17 17.15
C13 1ER D . -12.08 7.05 17.32
N 1ER D . -12.84 8.19 17.57
C12 1ER D . -14.18 8.20 17.77
C11 1ER D . -14.90 7.04 17.74
C10 1ER D . -14.21 5.83 17.50
C9 1ER D . -12.85 5.80 17.29
C8 1ER D . -12.14 4.51 17.07
C7 1ER D . -10.97 4.22 17.76
C6 1ER D . -10.30 3.02 17.53
C5 1ER D . -10.81 2.11 16.61
C14 1ER D . -12.64 3.58 16.16
C4 1ER D . -11.99 2.37 15.92
C1 1ER D . -12.54 1.37 14.89
C3 1ER D . -14.05 1.49 14.73
C2 1ER D . -12.25 -0.09 15.32
C 1ER D . -11.89 1.63 13.52
ZN ZN E . 4.32 -6.41 -54.07
O 1ER F . 11.13 -8.17 -18.42
C13 1ER F . 12.04 -7.58 -17.83
N 1ER F . 12.01 -7.46 -16.44
C12 1ER F . 13.00 -6.91 -15.68
C11 1ER F . 14.10 -6.39 -16.25
C10 1ER F . 14.21 -6.42 -17.67
C9 1ER F . 13.23 -6.99 -18.46
C8 1ER F . 13.37 -7.03 -19.94
C7 1ER F . 12.30 -6.71 -20.76
C6 1ER F . 12.45 -6.71 -22.15
C5 1ER F . 13.68 -7.03 -22.71
C14 1ER F . 14.60 -7.37 -20.52
C4 1ER F . 14.77 -7.37 -21.91
C1 1ER F . 16.12 -7.76 -22.54
C3 1ER F . 17.22 -7.99 -21.50
C2 1ER F . 16.62 -6.67 -23.50
C 1ER F . 15.96 -9.08 -23.32
#